data_7OJT
#
_entry.id   7OJT
#
_cell.length_a   81.310
_cell.length_b   92.970
_cell.length_c   81.090
_cell.angle_alpha   90.000
_cell.angle_beta   90.330
_cell.angle_gamma   90.000
#
_symmetry.space_group_name_H-M   'P 1 21 1'
#
loop_
_entity.id
_entity.type
_entity.pdbx_description
1 polymer 'Phosphatidylinositol mannoside acyltransferase'
2 non-polymer GLYCEROL
#
_entity_poly.entity_id   1
_entity_poly.type   'polypeptide(L)'
_entity_poly.pdbx_seq_one_letter_code
;MVTLSGRIPLGGQVTDLGYAAGWRLVRAMPEAMAQGVFGAGARYAARNGGPEQLRRNLARVVGKPPADVPDDLIRASLAS
YARYWREAFRLPAMDHGRLGEQLDVIDIDHLWSALDAGRGAVLALPHSGNWDMAGVWLVQNYGPFTTVAERLKPESLYRR
FVEYRESLGFEVLPLTGGERPPFEVLAERLTDNRPICLMAERDLTRSGVQVDFFGEATRMPAGPAKLAIETGAALFPVHC
WFEGDGWGMRVYPELDTSSGDVTAITQALADRFAANIATYPADWHMLQPQWIADLSDERRARLGTSRHHHHHH
;
_entity_poly.pdbx_strand_id   A,B,C,D
#
# COMPACT_ATOMS: atom_id res chain seq x y z
N PRO A 51 -6.48 17.87 8.79
CA PRO A 51 -6.35 19.27 9.21
C PRO A 51 -7.66 20.04 9.04
N GLU A 52 -8.47 19.61 8.08
CA GLU A 52 -9.77 20.23 7.82
C GLU A 52 -10.72 19.95 8.98
N GLN A 53 -10.74 18.70 9.46
CA GLN A 53 -11.59 18.34 10.57
C GLN A 53 -11.10 19.02 11.84
N LEU A 54 -9.80 19.27 11.93
CA LEU A 54 -9.31 20.02 13.09
C LEU A 54 -9.92 21.41 13.09
N ARG A 55 -9.98 22.05 11.93
CA ARG A 55 -10.63 23.35 11.82
C ARG A 55 -12.09 23.27 12.24
N ARG A 56 -12.80 22.20 11.84
CA ARG A 56 -14.21 22.07 12.19
C ARG A 56 -14.39 21.86 13.70
N ASN A 57 -13.42 21.21 14.34
CA ASN A 57 -13.52 20.99 15.77
C ASN A 57 -13.16 22.25 16.53
N LEU A 58 -12.09 22.94 16.17
CA LEU A 58 -11.87 24.20 16.87
C LEU A 58 -13.03 25.14 16.60
N ALA A 59 -13.73 24.97 15.47
CA ALA A 59 -14.92 25.76 15.21
C ALA A 59 -15.95 25.53 16.29
N ARG A 60 -16.12 24.26 16.70
CA ARG A 60 -17.06 23.99 17.79
C ARG A 60 -16.52 24.50 19.13
N VAL A 61 -15.21 24.37 19.34
CA VAL A 61 -14.62 24.74 20.62
C VAL A 61 -14.77 26.23 20.88
N VAL A 62 -14.58 27.06 19.85
CA VAL A 62 -14.68 28.51 19.98
C VAL A 62 -16.06 29.05 19.66
N GLY A 63 -16.92 28.26 19.02
CA GLY A 63 -18.26 28.72 18.72
C GLY A 63 -18.34 29.70 17.56
N LYS A 64 -17.67 29.36 16.47
CA LYS A 64 -17.66 30.18 15.27
C LYS A 64 -17.69 29.23 14.08
N PRO A 65 -18.08 29.71 12.92
CA PRO A 65 -18.05 28.85 11.72
C PRO A 65 -16.62 28.46 11.38
N PRO A 66 -16.43 27.36 10.66
CA PRO A 66 -15.05 26.91 10.38
C PRO A 66 -14.18 27.99 9.78
N ALA A 67 -14.71 28.76 8.82
CA ALA A 67 -13.91 29.77 8.13
C ALA A 67 -13.55 30.95 9.02
N ASP A 68 -14.25 31.16 10.13
CA ASP A 68 -13.98 32.26 11.03
C ASP A 68 -13.08 31.89 12.20
N VAL A 69 -12.61 30.65 12.27
CA VAL A 69 -11.66 30.27 13.32
C VAL A 69 -10.35 31.04 13.13
N PRO A 70 -9.85 31.70 14.17
CA PRO A 70 -8.65 32.53 14.03
C PRO A 70 -7.48 31.75 13.45
N ASP A 71 -6.82 32.35 12.45
CA ASP A 71 -5.66 31.72 11.84
C ASP A 71 -4.53 31.50 12.84
N ASP A 72 -4.41 32.36 13.86
CA ASP A 72 -3.36 32.14 14.85
C ASP A 72 -3.64 30.90 15.67
N LEU A 73 -4.91 30.59 15.91
CA LEU A 73 -5.23 29.40 16.68
C LEU A 73 -4.96 28.15 15.86
N ILE A 74 -5.32 28.16 14.57
CA ILE A 74 -5.04 27.02 13.71
C ILE A 74 -3.54 26.76 13.63
N ARG A 75 -2.76 27.82 13.45
CA ARG A 75 -1.31 27.65 13.39
C ARG A 75 -0.75 27.11 14.70
N ALA A 76 -1.22 27.63 15.84
CA ALA A 76 -0.76 27.12 17.13
C ALA A 76 -1.18 25.67 17.36
N SER A 77 -2.35 25.27 16.85
CA SER A 77 -2.80 23.90 17.03
C SER A 77 -1.99 22.92 16.18
N LEU A 78 -1.72 23.29 14.93
CA LEU A 78 -0.87 22.43 14.10
C LEU A 78 0.54 22.34 14.68
N ALA A 79 1.07 23.46 15.18
CA ALA A 79 2.39 23.41 15.77
C ALA A 79 2.43 22.56 17.03
N SER A 80 1.38 22.63 17.85
CA SER A 80 1.30 21.76 19.03
C SER A 80 1.18 20.28 18.66
N TYR A 81 0.33 19.96 17.68
CA TYR A 81 0.19 18.56 17.25
C TYR A 81 1.55 18.03 16.77
N ALA A 82 2.26 18.85 15.98
CA ALA A 82 3.57 18.45 15.52
C ALA A 82 4.49 18.27 16.72
N ARG A 83 4.34 19.13 17.73
CA ARG A 83 5.22 19.06 18.89
C ARG A 83 4.99 17.74 19.62
N TYR A 84 3.72 17.34 19.73
CA TYR A 84 3.42 16.07 20.37
C TYR A 84 4.17 14.94 19.68
N TRP A 85 4.11 14.90 18.35
CA TRP A 85 4.81 13.80 17.66
C TRP A 85 6.32 13.93 17.77
N ARG A 86 6.84 15.18 17.69
CA ARG A 86 8.27 15.43 17.86
C ARG A 86 8.78 14.99 19.22
N GLU A 87 7.95 15.14 20.25
CA GLU A 87 8.35 14.71 21.58
C GLU A 87 8.18 13.21 21.76
N ALA A 88 7.10 12.65 21.19
CA ALA A 88 6.90 11.21 21.26
C ALA A 88 8.05 10.45 20.61
N PHE A 89 8.69 11.07 19.61
CA PHE A 89 9.83 10.42 18.96
C PHE A 89 11.00 10.25 19.92
N ARG A 90 11.38 11.33 20.62
CA ARG A 90 12.56 11.32 21.48
C ARG A 90 12.28 11.01 22.95
N LEU A 91 11.02 10.88 23.34
CA LEU A 91 10.68 10.66 24.75
C LEU A 91 11.31 9.44 25.37
N PRO A 92 11.34 8.26 24.73
CA PRO A 92 11.96 7.10 25.37
C PRO A 92 13.44 7.29 25.65
N ALA A 93 14.06 8.30 25.06
CA ALA A 93 15.49 8.53 25.18
C ALA A 93 15.82 9.66 26.16
N MET A 94 14.82 10.33 26.71
CA MET A 94 15.06 11.48 27.56
C MET A 94 15.31 11.03 29.00
N ASP A 95 15.75 11.97 29.82
CA ASP A 95 16.00 11.73 31.24
C ASP A 95 14.67 11.75 31.99
N HIS A 96 14.08 10.57 32.23
CA HIS A 96 12.79 10.57 32.90
C HIS A 96 12.92 10.98 34.36
N GLY A 97 14.06 10.71 34.99
CA GLY A 97 14.27 11.21 36.35
C GLY A 97 14.30 12.72 36.42
N ARG A 98 14.92 13.37 35.44
CA ARG A 98 14.91 14.83 35.39
C ARG A 98 13.50 15.34 35.14
N LEU A 99 12.80 14.73 34.18
CA LEU A 99 11.46 15.21 33.87
C LEU A 99 10.57 15.10 35.10
N GLY A 100 10.70 13.99 35.82
CA GLY A 100 9.88 13.78 37.00
C GLY A 100 10.23 14.76 38.10
N GLU A 101 11.50 15.19 38.16
CA GLU A 101 11.89 16.10 39.22
C GLU A 101 11.56 17.55 38.90
N GLN A 102 11.52 17.93 37.62
CA GLN A 102 11.39 19.34 37.27
C GLN A 102 9.99 19.75 36.83
N LEU A 103 9.18 18.80 36.36
CA LEU A 103 7.79 19.07 36.00
C LEU A 103 6.87 18.96 37.21
N ASP A 104 5.83 19.78 37.20
CA ASP A 104 4.85 19.84 38.27
C ASP A 104 3.45 19.58 37.74
N VAL A 105 2.56 19.18 38.65
CA VAL A 105 1.17 18.89 38.32
C VAL A 105 0.32 19.69 39.30
N ILE A 106 -0.52 20.58 38.77
CA ILE A 106 -1.38 21.40 39.61
C ILE A 106 -2.36 20.53 40.38
N ASP A 107 -2.44 20.75 41.69
CA ASP A 107 -3.41 20.09 42.54
C ASP A 107 -3.25 18.57 42.48
N ILE A 108 -2.00 18.13 42.37
CA ILE A 108 -1.71 16.70 42.34
C ILE A 108 -2.17 16.03 43.61
N ASP A 109 -2.19 16.78 44.72
CA ASP A 109 -2.61 16.17 45.99
C ASP A 109 -4.02 15.54 46.04
N HIS A 110 -5.00 15.95 45.22
CA HIS A 110 -6.26 15.21 45.15
C HIS A 110 -5.98 13.73 44.89
N LEU A 111 -5.05 13.46 43.97
CA LEU A 111 -4.82 12.05 43.65
C LEU A 111 -4.13 11.38 44.81
N TRP A 112 -3.17 12.07 45.42
CA TRP A 112 -2.50 11.45 46.54
C TRP A 112 -3.54 11.11 47.60
N SER A 113 -4.40 12.07 47.96
CA SER A 113 -5.36 11.80 49.03
C SER A 113 -6.26 10.63 48.68
N ALA A 114 -6.59 10.45 47.39
CA ALA A 114 -7.44 9.33 47.01
C ALA A 114 -6.69 8.02 47.13
N LEU A 115 -5.39 8.05 46.90
CA LEU A 115 -4.57 6.86 47.14
C LEU A 115 -4.28 6.68 48.63
N ASP A 116 -4.23 7.77 49.42
CA ASP A 116 -4.14 7.60 50.86
C ASP A 116 -5.40 6.99 51.48
N ALA A 117 -6.56 7.14 50.83
CA ALA A 117 -7.79 6.56 51.35
C ALA A 117 -8.01 5.12 50.93
N GLY A 118 -7.15 4.57 50.06
CA GLY A 118 -7.31 3.17 49.68
C GLY A 118 -8.43 2.93 48.69
N ARG A 119 -8.86 3.97 47.97
CA ARG A 119 -10.01 3.87 47.09
C ARG A 119 -9.64 3.52 45.65
N GLY A 120 -8.39 3.77 45.26
CA GLY A 120 -8.02 3.79 43.85
C GLY A 120 -8.39 5.12 43.21
N ALA A 121 -8.03 5.25 41.94
CA ALA A 121 -8.27 6.50 41.25
C ALA A 121 -8.31 6.23 39.75
N VAL A 122 -9.30 6.84 39.08
CA VAL A 122 -9.41 6.82 37.62
C VAL A 122 -9.03 8.21 37.16
N LEU A 123 -7.98 8.30 36.36
CA LEU A 123 -7.53 9.56 35.78
C LEU A 123 -7.99 9.63 34.33
N ALA A 124 -8.97 10.49 34.07
CA ALA A 124 -9.59 10.66 32.76
C ALA A 124 -9.22 12.05 32.25
N LEU A 125 -8.59 12.09 31.08
CA LEU A 125 -8.09 13.34 30.52
C LEU A 125 -8.42 13.35 29.05
N PRO A 126 -8.48 14.52 28.44
CA PRO A 126 -8.67 14.59 26.99
C PRO A 126 -7.35 14.57 26.23
N HIS A 127 -7.46 14.40 24.92
CA HIS A 127 -6.30 14.36 24.03
C HIS A 127 -5.71 15.75 23.85
N SER A 128 -5.14 16.29 24.91
CA SER A 128 -4.54 17.62 24.92
C SER A 128 -3.09 17.55 25.37
N GLY A 129 -2.28 18.47 24.85
CA GLY A 129 -0.88 18.50 25.24
C GLY A 129 -0.17 17.18 24.96
N ASN A 130 0.73 16.80 25.85
CA ASN A 130 1.47 15.55 25.79
C ASN A 130 1.11 14.71 27.01
N TRP A 131 0.25 13.70 26.80
CA TRP A 131 -0.15 12.81 27.88
C TRP A 131 0.87 11.71 28.19
N ASP A 132 1.73 11.37 27.23
CA ASP A 132 2.80 10.42 27.53
C ASP A 132 3.83 11.03 28.47
N MET A 133 4.03 12.35 28.40
CA MET A 133 4.88 13.00 29.38
C MET A 133 4.24 13.02 30.78
N ALA A 134 2.92 13.15 30.84
CA ALA A 134 2.27 13.08 32.15
C ALA A 134 2.39 11.68 32.73
N GLY A 135 2.25 10.66 31.89
CA GLY A 135 2.46 9.31 32.36
C GLY A 135 3.88 9.07 32.86
N VAL A 136 4.87 9.55 32.11
CA VAL A 136 6.27 9.48 32.58
C VAL A 136 6.40 10.12 33.95
N TRP A 137 5.77 11.29 34.14
CA TRP A 137 5.82 11.98 35.42
C TRP A 137 5.22 11.12 36.52
N LEU A 138 4.13 10.42 36.23
CA LEU A 138 3.49 9.60 37.25
C LEU A 138 4.35 8.39 37.55
N VAL A 139 5.02 7.83 36.53
CA VAL A 139 5.89 6.69 36.75
C VAL A 139 7.04 7.08 37.69
N GLN A 140 7.54 8.31 37.57
CA GLN A 140 8.68 8.71 38.41
C GLN A 140 8.26 9.16 39.81
N ASN A 141 7.10 9.81 39.96
CA ASN A 141 6.68 10.31 41.27
C ASN A 141 5.78 9.35 42.05
N TYR A 142 5.22 8.34 41.39
CA TYR A 142 4.43 7.31 42.08
C TYR A 142 4.91 5.93 41.66
N GLY A 143 4.83 5.62 40.38
CA GLY A 143 5.20 4.32 39.88
C GLY A 143 4.31 3.86 38.74
N PRO A 144 4.58 2.65 38.23
CA PRO A 144 3.79 2.15 37.10
C PRO A 144 2.30 2.10 37.38
N PHE A 145 1.51 2.51 36.39
CA PHE A 145 0.06 2.40 36.44
C PHE A 145 -0.38 1.62 35.20
N THR A 146 -1.65 1.27 35.13
CA THR A 146 -2.16 0.44 34.05
C THR A 146 -3.09 1.27 33.17
N THR A 147 -3.08 0.97 31.87
CA THR A 147 -3.96 1.64 30.93
C THR A 147 -4.27 0.69 29.78
N VAL A 148 -5.19 1.11 28.92
CA VAL A 148 -5.60 0.31 27.77
C VAL A 148 -5.25 1.06 26.49
N ALA A 149 -4.98 0.30 25.43
CA ALA A 149 -4.63 0.82 24.12
C ALA A 149 -5.46 0.11 23.07
N GLU A 150 -6.14 0.88 22.22
CA GLU A 150 -6.83 0.27 21.09
C GLU A 150 -5.83 -0.47 20.20
N ARG A 151 -6.22 -1.66 19.78
CA ARG A 151 -5.37 -2.55 18.97
C ARG A 151 -5.43 -2.12 17.51
N LEU A 152 -4.46 -1.31 17.11
CA LEU A 152 -4.42 -0.75 15.77
C LEU A 152 -3.93 -1.80 14.76
N LYS A 153 -4.22 -1.53 13.49
CA LYS A 153 -3.73 -2.32 12.37
C LYS A 153 -2.79 -1.48 11.51
N PRO A 154 -1.68 -2.06 11.02
CA PRO A 154 -1.33 -3.49 11.21
C PRO A 154 -0.90 -3.84 12.62
N GLU A 155 -0.81 -5.15 12.88
CA GLU A 155 -0.39 -5.61 14.21
C GLU A 155 0.99 -5.10 14.56
N SER A 156 1.90 -5.05 13.58
CA SER A 156 3.24 -4.55 13.88
C SER A 156 3.18 -3.14 14.45
N LEU A 157 2.26 -2.31 13.94
CA LEU A 157 2.07 -0.96 14.47
C LEU A 157 1.56 -0.98 15.91
N TYR A 158 0.55 -1.82 16.19
CA TYR A 158 0.08 -1.92 17.58
C TYR A 158 1.22 -2.35 18.49
N ARG A 159 2.01 -3.33 18.05
CA ARG A 159 3.14 -3.78 18.86
C ARG A 159 4.10 -2.62 19.09
N ARG A 160 4.29 -1.79 18.05
CA ARG A 160 5.15 -0.62 18.14
C ARG A 160 4.67 0.32 19.25
N PHE A 161 3.36 0.62 19.27
CA PHE A 161 2.82 1.51 20.31
C PHE A 161 2.89 0.88 21.70
N VAL A 162 2.64 -0.42 21.81
CA VAL A 162 2.78 -1.10 23.09
C VAL A 162 4.21 -0.97 23.58
N GLU A 163 5.16 -1.35 22.73
CA GLU A 163 6.58 -1.23 23.03
C GLU A 163 6.91 0.20 23.49
N TYR A 164 6.44 1.19 22.72
CA TYR A 164 6.69 2.60 23.02
C TYR A 164 6.25 2.96 24.44
N ARG A 165 5.01 2.66 24.78
CA ARG A 165 4.46 3.06 26.08
C ARG A 165 5.04 2.21 27.21
N GLU A 166 5.38 0.96 26.92
CA GLU A 166 6.06 0.12 27.91
C GLU A 166 7.46 0.64 28.19
N SER A 167 8.12 1.20 27.19
CA SER A 167 9.42 1.83 27.37
C SER A 167 9.32 3.07 28.24
N LEU A 168 8.12 3.57 28.48
CA LEU A 168 7.91 4.65 29.44
C LEU A 168 7.63 4.13 30.84
N GLY A 169 7.32 2.83 30.98
CA GLY A 169 7.06 2.21 32.26
C GLY A 169 5.61 1.83 32.52
N PHE A 170 4.71 2.02 31.56
CA PHE A 170 3.30 1.72 31.70
C PHE A 170 2.97 0.25 31.41
N GLU A 171 1.93 -0.24 32.08
CA GLU A 171 1.34 -1.51 31.71
C GLU A 171 0.19 -1.19 30.77
N VAL A 172 0.25 -1.74 29.56
CA VAL A 172 -0.72 -1.45 28.50
C VAL A 172 -1.60 -2.69 28.33
N LEU A 173 -2.92 -2.50 28.50
CA LEU A 173 -3.77 -3.67 28.28
C LEU A 173 -4.49 -3.60 26.95
N PRO A 174 -4.34 -4.65 26.15
CA PRO A 174 -5.01 -4.75 24.84
C PRO A 174 -6.52 -4.81 24.94
N LEU A 175 -7.17 -3.88 24.26
CA LEU A 175 -8.62 -3.80 24.23
C LEU A 175 -9.23 -5.08 23.64
N THR A 176 -8.45 -5.82 22.84
CA THR A 176 -8.88 -7.09 22.30
C THR A 176 -7.67 -8.01 22.19
N GLY A 177 -7.93 -9.31 22.22
CA GLY A 177 -6.90 -10.32 22.09
C GLY A 177 -6.06 -10.56 23.31
N GLY A 178 -6.41 -9.98 24.47
CA GLY A 178 -5.61 -10.16 25.66
C GLY A 178 -5.99 -11.43 26.39
N GLU A 179 -5.34 -11.67 27.54
CA GLU A 179 -5.69 -12.88 28.28
C GLU A 179 -7.00 -12.71 29.02
N ARG A 180 -7.25 -11.51 29.55
CA ARG A 180 -8.41 -11.19 30.37
C ARG A 180 -9.13 -9.96 29.82
N PRO A 181 -10.39 -9.79 30.15
CA PRO A 181 -11.13 -8.60 29.75
C PRO A 181 -10.51 -7.38 30.41
N PRO A 182 -10.19 -6.34 29.63
CA PRO A 182 -9.48 -5.19 30.20
C PRO A 182 -10.19 -4.55 31.38
N PHE A 183 -11.51 -4.35 31.29
CA PHE A 183 -12.23 -3.68 32.37
C PHE A 183 -12.03 -4.39 33.70
N GLU A 184 -11.83 -5.71 33.69
CA GLU A 184 -11.73 -6.43 34.95
C GLU A 184 -10.30 -6.35 35.51
N VAL A 185 -9.31 -6.26 34.64
CA VAL A 185 -7.95 -5.99 35.12
C VAL A 185 -7.91 -4.59 35.70
N LEU A 186 -8.58 -3.64 35.06
CA LEU A 186 -8.61 -2.29 35.59
C LEU A 186 -9.30 -2.26 36.94
N ALA A 187 -10.42 -2.98 37.07
CA ALA A 187 -11.10 -3.04 38.36
C ALA A 187 -10.20 -3.64 39.42
N GLU A 188 -9.36 -4.61 39.04
CA GLU A 188 -8.42 -5.20 39.99
C GLU A 188 -7.35 -4.19 40.39
N ARG A 189 -6.91 -3.37 39.45
CA ARG A 189 -5.94 -2.33 39.78
C ARG A 189 -6.56 -1.33 40.75
N LEU A 190 -7.84 -1.04 40.57
CA LEU A 190 -8.54 -0.06 41.39
C LEU A 190 -8.77 -0.57 42.81
N THR A 191 -9.19 -1.83 42.94
CA THR A 191 -9.34 -2.42 44.27
C THR A 191 -8.01 -2.60 45.00
N ASP A 192 -6.88 -2.62 44.29
CA ASP A 192 -5.59 -2.62 44.95
C ASP A 192 -5.11 -1.21 45.29
N ASN A 193 -5.99 -0.21 45.18
CA ASN A 193 -5.64 1.17 45.50
C ASN A 193 -4.51 1.65 44.60
N ARG A 194 -4.72 1.49 43.29
CA ARG A 194 -3.76 1.94 42.30
C ARG A 194 -4.47 2.80 41.27
N PRO A 195 -3.75 3.70 40.61
CA PRO A 195 -4.36 4.55 39.58
C PRO A 195 -4.28 3.96 38.18
N ILE A 196 -5.34 4.17 37.42
CA ILE A 196 -5.40 3.85 36.00
C ILE A 196 -5.68 5.14 35.26
N CYS A 197 -5.20 5.22 34.02
CA CYS A 197 -5.34 6.41 33.20
C CYS A 197 -6.01 6.05 31.88
N LEU A 198 -7.08 6.78 31.55
CA LEU A 198 -7.90 6.50 30.38
C LEU A 198 -8.15 7.80 29.62
N MET A 199 -7.85 7.79 28.33
CA MET A 199 -8.21 8.89 27.43
C MET A 199 -9.72 8.85 27.14
N ALA A 200 -10.45 9.83 27.68
CA ALA A 200 -11.87 9.70 27.94
C ALA A 200 -12.67 10.86 27.37
N GLU A 201 -12.29 11.36 26.19
CA GLU A 201 -13.07 12.41 25.55
C GLU A 201 -13.59 12.01 24.18
N ARG A 202 -13.36 10.78 23.75
CA ARG A 202 -13.76 10.32 22.44
C ARG A 202 -14.06 8.84 22.50
N ASP A 203 -15.25 8.44 22.06
CA ASP A 203 -15.58 7.02 21.92
C ASP A 203 -16.84 6.91 21.08
N LEU A 204 -16.67 6.95 19.76
CA LEU A 204 -17.80 6.97 18.82
C LEU A 204 -18.24 5.58 18.39
N THR A 205 -18.28 4.63 19.31
CA THR A 205 -18.81 3.31 19.04
C THR A 205 -20.21 3.14 19.62
N ARG A 206 -20.81 1.97 19.37
CA ARG A 206 -22.13 1.69 19.92
C ARG A 206 -22.16 1.75 21.44
N SER A 207 -21.03 1.58 22.11
CA SER A 207 -20.99 1.52 23.55
C SER A 207 -20.59 2.85 24.17
N GLY A 208 -20.58 3.91 23.36
CA GLY A 208 -20.28 5.22 23.88
C GLY A 208 -21.50 5.87 24.51
N VAL A 209 -21.24 6.72 25.49
CA VAL A 209 -22.27 7.46 26.21
C VAL A 209 -22.49 8.75 25.44
N GLN A 210 -23.71 8.93 24.94
CA GLN A 210 -24.04 10.15 24.22
C GLN A 210 -24.12 11.29 25.22
N VAL A 211 -23.50 12.41 24.87
CA VAL A 211 -23.45 13.58 25.74
C VAL A 211 -23.36 14.86 24.93
N ASP A 212 -23.68 15.98 25.58
CA ASP A 212 -23.47 17.31 25.02
C ASP A 212 -22.01 17.72 25.19
N PHE A 213 -21.42 18.29 24.14
CA PHE A 213 -20.01 18.67 24.14
C PHE A 213 -19.88 19.94 23.32
N PHE A 214 -19.74 21.07 24.01
CA PHE A 214 -19.71 22.38 23.35
C PHE A 214 -21.01 22.60 22.59
N GLY A 215 -22.11 22.12 23.17
CA GLY A 215 -23.40 22.36 22.60
C GLY A 215 -23.80 21.39 21.50
N GLU A 216 -23.00 20.36 21.22
CA GLU A 216 -23.37 19.44 20.14
C GLU A 216 -23.22 18.00 20.62
N ALA A 217 -23.88 17.08 19.93
CA ALA A 217 -23.92 15.71 20.41
C ALA A 217 -22.66 14.95 20.03
N THR A 218 -22.03 14.33 21.03
CA THR A 218 -20.91 13.42 20.81
C THR A 218 -21.10 12.17 21.66
N ARG A 219 -20.11 11.28 21.64
CA ARG A 219 -20.14 10.09 22.47
C ARG A 219 -18.77 9.93 23.12
N MET A 220 -18.77 9.62 24.41
CA MET A 220 -17.53 9.45 25.16
C MET A 220 -17.52 8.09 25.85
N PRO A 221 -16.34 7.55 26.14
CA PRO A 221 -16.29 6.21 26.73
C PRO A 221 -16.92 6.18 28.11
N ALA A 222 -17.57 5.04 28.41
CA ALA A 222 -18.19 4.75 29.69
C ALA A 222 -17.23 4.21 30.75
N GLY A 223 -16.01 3.84 30.38
CA GLY A 223 -15.07 3.21 31.28
C GLY A 223 -14.86 3.91 32.63
N PRO A 224 -14.53 5.20 32.61
CA PRO A 224 -14.25 5.89 33.88
C PRO A 224 -15.40 5.81 34.87
N ALA A 225 -16.62 6.08 34.42
CA ALA A 225 -17.76 6.07 35.33
C ALA A 225 -18.05 4.66 35.83
N LYS A 226 -18.00 3.67 34.94
CA LYS A 226 -18.32 2.32 35.38
C LYS A 226 -17.28 1.84 36.39
N LEU A 227 -16.02 2.25 36.23
CA LEU A 227 -14.99 1.79 37.14
C LEU A 227 -15.01 2.55 38.46
N ALA A 228 -15.38 3.83 38.44
CA ALA A 228 -15.51 4.60 39.67
C ALA A 228 -16.71 4.12 40.49
N ILE A 229 -17.78 3.71 39.81
CA ILE A 229 -18.92 3.15 40.51
C ILE A 229 -18.53 1.80 41.11
N GLU A 230 -18.09 0.88 40.25
CA GLU A 230 -17.89 -0.50 40.68
C GLU A 230 -16.83 -0.59 41.77
N THR A 231 -15.85 0.32 41.78
CA THR A 231 -14.77 0.23 42.75
C THR A 231 -14.81 1.35 43.80
N GLY A 232 -15.63 2.38 43.61
CA GLY A 232 -15.63 3.52 44.48
C GLY A 232 -14.45 4.43 44.33
N ALA A 233 -13.60 4.18 43.33
CA ALA A 233 -12.42 5.00 43.12
C ALA A 233 -12.82 6.42 42.77
N ALA A 234 -11.94 7.35 43.12
CA ALA A 234 -12.16 8.75 42.79
C ALA A 234 -11.93 8.95 41.30
N LEU A 235 -12.88 9.59 40.63
CA LEU A 235 -12.82 9.82 39.19
C LEU A 235 -12.36 11.26 39.03
N PHE A 236 -11.09 11.43 38.67
CA PHE A 236 -10.50 12.77 38.55
C PHE A 236 -10.42 13.17 37.08
N PRO A 237 -11.00 14.29 36.69
CA PRO A 237 -10.66 14.87 35.40
C PRO A 237 -9.24 15.41 35.43
N VAL A 238 -8.52 15.21 34.33
CA VAL A 238 -7.13 15.61 34.22
C VAL A 238 -6.95 16.37 32.92
N HIS A 239 -6.03 17.33 32.92
CA HIS A 239 -5.76 18.08 31.71
C HIS A 239 -4.27 18.31 31.57
N CYS A 240 -3.77 18.13 30.35
CA CYS A 240 -2.39 18.42 30.00
C CYS A 240 -2.38 19.42 28.85
N TRP A 241 -1.40 20.32 28.88
CA TRP A 241 -1.25 21.34 27.84
C TRP A 241 0.22 21.71 27.76
N PHE A 242 0.54 22.60 26.82
CA PHE A 242 1.91 23.05 26.60
C PHE A 242 2.05 24.46 27.17
N GLU A 243 2.85 24.59 28.23
CA GLU A 243 3.06 25.86 28.92
C GLU A 243 4.40 26.42 28.47
N GLY A 244 4.39 27.07 27.31
CA GLY A 244 5.62 27.58 26.73
C GLY A 244 6.48 26.47 26.17
N ASP A 245 7.76 26.46 26.58
CA ASP A 245 8.64 25.35 26.25
C ASP A 245 8.56 24.22 27.27
N GLY A 246 7.65 24.30 28.25
CA GLY A 246 7.45 23.28 29.23
C GLY A 246 6.14 22.56 29.04
N TRP A 247 5.71 21.85 30.09
CA TRP A 247 4.49 21.06 30.02
C TRP A 247 3.64 21.39 31.24
N GLY A 248 2.40 21.76 31.00
CA GLY A 248 1.45 22.07 32.07
C GLY A 248 0.49 20.92 32.29
N MET A 249 0.26 20.59 33.56
CA MET A 249 -0.60 19.47 33.90
C MET A 249 -1.39 19.83 35.15
N ARG A 250 -2.61 19.30 35.23
CA ARG A 250 -3.51 19.65 36.31
C ARG A 250 -4.47 18.50 36.58
N VAL A 251 -4.71 18.27 37.87
CA VAL A 251 -5.74 17.36 38.36
C VAL A 251 -6.88 18.19 38.94
N TYR A 252 -8.09 17.85 38.57
CA TYR A 252 -9.27 18.58 39.02
C TYR A 252 -10.06 17.77 40.04
N PRO A 253 -10.91 18.43 40.83
CA PRO A 253 -11.69 17.74 41.86
C PRO A 253 -12.44 16.54 41.29
N GLU A 254 -12.48 15.48 42.07
CA GLU A 254 -13.11 14.24 41.66
C GLU A 254 -14.60 14.47 41.47
N LEU A 255 -15.18 13.74 40.53
CA LEU A 255 -16.58 13.90 40.20
C LEU A 255 -17.46 13.21 41.23
N ASP A 256 -18.70 13.69 41.33
CA ASP A 256 -19.68 13.13 42.26
C ASP A 256 -20.32 11.92 41.58
N THR A 257 -20.00 10.73 42.09
CA THR A 257 -20.57 9.47 41.62
C THR A 257 -21.74 8.99 42.47
N SER A 258 -22.36 9.88 43.24
CA SER A 258 -23.48 9.46 44.09
C SER A 258 -24.65 8.94 43.26
N SER A 259 -24.92 9.59 42.12
CA SER A 259 -26.10 9.22 41.33
C SER A 259 -26.01 7.80 40.79
N GLY A 260 -24.79 7.30 40.59
CA GLY A 260 -24.65 6.01 39.94
C GLY A 260 -25.08 5.99 38.49
N ASP A 261 -25.35 7.15 37.89
CA ASP A 261 -25.78 7.23 36.50
C ASP A 261 -24.56 7.43 35.60
N VAL A 262 -24.29 6.44 34.74
CA VAL A 262 -23.11 6.50 33.90
C VAL A 262 -23.19 7.68 32.94
N THR A 263 -24.40 7.99 32.47
CA THR A 263 -24.57 9.11 31.54
C THR A 263 -24.30 10.44 32.24
N ALA A 264 -24.88 10.65 33.42
CA ALA A 264 -24.68 11.91 34.15
C ALA A 264 -23.22 12.12 34.52
N ILE A 265 -22.52 11.04 34.88
CA ILE A 265 -21.12 11.15 35.27
C ILE A 265 -20.26 11.45 34.05
N THR A 266 -20.46 10.72 32.95
CA THR A 266 -19.67 11.00 31.77
C THR A 266 -19.97 12.40 31.24
N GLN A 267 -21.21 12.88 31.40
CA GLN A 267 -21.53 14.23 30.98
C GLN A 267 -20.82 15.29 31.81
N ALA A 268 -20.77 15.12 33.14
CA ALA A 268 -19.98 16.04 33.96
C ALA A 268 -18.49 15.98 33.62
N LEU A 269 -18.00 14.79 33.27
CA LEU A 269 -16.63 14.67 32.83
C LEU A 269 -16.42 15.44 31.52
N ALA A 270 -17.39 15.34 30.61
CA ALA A 270 -17.30 16.09 29.36
C ALA A 270 -17.34 17.58 29.62
N ASP A 271 -18.19 18.02 30.56
CA ASP A 271 -18.25 19.45 30.85
C ASP A 271 -16.89 19.94 31.34
N ARG A 272 -16.22 19.16 32.18
CA ARG A 272 -14.91 19.58 32.66
C ARG A 272 -13.88 19.57 31.53
N PHE A 273 -13.89 18.55 30.69
CA PHE A 273 -12.95 18.51 29.58
C PHE A 273 -13.17 19.70 28.65
N ALA A 274 -14.44 19.99 28.33
CA ALA A 274 -14.73 21.13 27.46
C ALA A 274 -14.28 22.44 28.09
N ALA A 275 -14.44 22.58 29.41
CA ALA A 275 -14.00 23.80 30.07
C ALA A 275 -12.49 23.96 29.99
N ASN A 276 -11.77 22.84 30.10
CA ASN A 276 -10.32 22.94 30.04
C ASN A 276 -9.86 23.17 28.62
N ILE A 277 -10.46 22.46 27.66
CA ILE A 277 -10.10 22.67 26.27
C ILE A 277 -10.38 24.13 25.89
N ALA A 278 -11.48 24.69 26.40
CA ALA A 278 -11.78 26.08 26.10
C ALA A 278 -10.73 26.99 26.71
N THR A 279 -10.06 26.52 27.77
CA THR A 279 -9.01 27.32 28.39
C THR A 279 -7.71 27.22 27.60
N TYR A 280 -7.40 26.04 27.08
CA TYR A 280 -6.21 25.79 26.25
C TYR A 280 -6.67 25.26 24.90
N PRO A 281 -7.34 26.09 24.10
CA PRO A 281 -7.91 25.57 22.85
C PRO A 281 -6.87 25.13 21.83
N ALA A 282 -5.68 25.75 21.81
CA ALA A 282 -4.73 25.34 20.80
C ALA A 282 -4.09 23.99 21.11
N ASP A 283 -4.12 23.56 22.36
CA ASP A 283 -3.45 22.30 22.67
C ASP A 283 -4.34 21.08 22.55
N TRP A 284 -5.58 21.20 22.06
CA TRP A 284 -6.36 19.99 21.95
C TRP A 284 -6.30 19.60 20.47
N HIS A 285 -5.41 18.65 20.18
CA HIS A 285 -5.09 18.14 18.84
C HIS A 285 -5.96 16.90 18.52
N MET A 286 -7.22 17.19 18.25
CA MET A 286 -8.26 16.24 17.86
C MET A 286 -8.52 16.53 16.39
N LEU A 287 -7.73 15.87 15.52
CA LEU A 287 -7.90 15.93 14.08
C LEU A 287 -8.84 14.88 13.52
N GLN A 288 -9.31 13.94 14.33
CA GLN A 288 -10.28 12.99 13.87
C GLN A 288 -11.66 13.60 14.05
N PRO A 289 -12.68 13.13 13.34
CA PRO A 289 -14.04 13.61 13.63
C PRO A 289 -14.44 13.36 15.08
N GLN A 290 -14.90 14.42 15.73
CA GLN A 290 -15.29 14.36 17.13
C GLN A 290 -16.80 14.40 17.31
N TRP A 291 -17.47 15.32 16.64
CA TRP A 291 -18.91 15.50 16.81
C TRP A 291 -19.65 14.63 15.81
N ILE A 292 -20.84 14.17 16.23
CA ILE A 292 -21.61 13.23 15.43
C ILE A 292 -21.88 13.77 14.03
N ALA A 293 -22.19 15.07 13.90
CA ALA A 293 -22.62 15.54 12.59
C ALA A 293 -21.55 15.36 11.53
N ASP A 294 -20.27 15.41 11.90
CA ASP A 294 -19.25 15.26 10.88
C ASP A 294 -19.05 13.80 10.49
N LEU A 295 -19.85 12.90 11.05
CA LEU A 295 -19.83 11.46 10.80
C LEU A 295 -21.00 11.02 9.93
N SER A 296 -20.92 9.78 9.44
CA SER A 296 -21.99 9.18 8.65
C SER A 296 -22.15 7.72 9.04
N ASP A 297 -23.31 7.15 8.69
CA ASP A 297 -23.67 5.79 9.07
C ASP A 297 -23.98 5.65 10.55
N GLU A 298 -24.54 4.50 10.93
CA GLU A 298 -24.98 4.25 12.31
C GLU A 298 -23.83 3.67 13.13
N ARG A 299 -24.16 2.81 14.08
CA ARG A 299 -23.14 2.27 14.97
C ARG A 299 -22.56 0.97 14.45
N PRO B 51 8.21 28.42 13.99
CA PRO B 51 7.20 28.69 12.95
C PRO B 51 7.31 30.09 12.36
N GLU B 52 7.81 31.04 13.14
CA GLU B 52 8.04 32.39 12.64
C GLU B 52 9.13 32.40 11.57
N GLN B 53 10.19 31.64 11.81
CA GLN B 53 11.26 31.50 10.84
C GLN B 53 10.77 30.77 9.59
N LEU B 54 9.82 29.85 9.76
CA LEU B 54 9.24 29.20 8.59
C LEU B 54 8.52 30.22 7.72
N ARG B 55 7.76 31.13 8.34
CA ARG B 55 7.12 32.21 7.58
C ARG B 55 8.15 33.07 6.87
N ARG B 56 9.26 33.38 7.54
CA ARG B 56 10.30 34.20 6.91
C ARG B 56 10.98 33.49 5.74
N ASN B 57 11.08 32.16 5.79
CA ASN B 57 11.66 31.42 4.67
C ASN B 57 10.67 31.26 3.51
N LEU B 58 9.42 30.90 3.79
CA LEU B 58 8.46 30.85 2.70
C LEU B 58 8.29 32.22 2.06
N ALA B 59 8.56 33.30 2.80
CA ALA B 59 8.52 34.62 2.18
C ALA B 59 9.53 34.71 1.04
N ARG B 60 10.72 34.15 1.24
CA ARG B 60 11.74 34.15 0.19
C ARG B 60 11.32 33.20 -0.92
N VAL B 61 10.71 32.08 -0.55
CA VAL B 61 10.35 31.07 -1.55
C VAL B 61 9.35 31.63 -2.53
N VAL B 62 8.37 32.39 -2.04
CA VAL B 62 7.33 32.98 -2.88
C VAL B 62 7.64 34.40 -3.33
N GLY B 63 8.63 35.05 -2.72
CA GLY B 63 9.01 36.39 -3.15
C GLY B 63 8.07 37.49 -2.71
N LYS B 64 7.69 37.45 -1.45
CA LYS B 64 6.81 38.44 -0.85
C LYS B 64 7.30 38.70 0.56
N PRO B 65 6.92 39.81 1.16
CA PRO B 65 7.31 40.06 2.55
C PRO B 65 6.72 39.00 3.48
N PRO B 66 7.33 38.79 4.64
CA PRO B 66 6.85 37.71 5.52
C PRO B 66 5.35 37.79 5.80
N ALA B 67 4.84 39.00 6.05
CA ALA B 67 3.44 39.19 6.41
C ALA B 67 2.49 38.87 5.26
N ASP B 68 2.98 38.85 4.02
CA ASP B 68 2.14 38.58 2.85
C ASP B 68 2.14 37.12 2.42
N VAL B 69 2.81 36.24 3.14
CA VAL B 69 2.78 34.82 2.80
C VAL B 69 1.37 34.28 2.99
N PRO B 70 0.79 33.62 1.99
CA PRO B 70 -0.60 33.15 2.09
C PRO B 70 -0.81 32.26 3.30
N ASP B 71 -1.89 32.53 4.04
CA ASP B 71 -2.21 31.71 5.21
C ASP B 71 -2.41 30.24 4.86
N ASP B 72 -2.89 29.96 3.64
CA ASP B 72 -3.07 28.56 3.23
C ASP B 72 -1.74 27.85 3.06
N LEU B 73 -0.70 28.59 2.65
CA LEU B 73 0.62 27.99 2.52
C LEU B 73 1.26 27.75 3.87
N ILE B 74 1.11 28.70 4.80
CA ILE B 74 1.66 28.51 6.13
C ILE B 74 1.01 27.30 6.81
N ARG B 75 -0.32 27.22 6.75
CA ARG B 75 -1.00 26.07 7.32
C ARG B 75 -0.62 24.76 6.64
N ALA B 76 -0.49 24.76 5.31
CA ALA B 76 -0.03 23.56 4.60
C ALA B 76 1.40 23.15 4.99
N SER B 77 2.27 24.12 5.25
CA SER B 77 3.65 23.80 5.60
C SER B 77 3.71 23.25 7.03
N LEU B 78 2.98 23.87 7.96
CA LEU B 78 2.95 23.35 9.32
C LEU B 78 2.35 21.94 9.34
N ALA B 79 1.30 21.72 8.55
CA ALA B 79 0.72 20.39 8.48
C ALA B 79 1.69 19.39 7.87
N SER B 80 2.48 19.81 6.87
CA SER B 80 3.48 18.90 6.32
C SER B 80 4.54 18.55 7.36
N TYR B 81 5.03 19.55 8.11
CA TYR B 81 6.02 19.28 9.15
C TYR B 81 5.47 18.32 10.20
N ALA B 82 4.22 18.54 10.62
CA ALA B 82 3.63 17.63 11.59
C ALA B 82 3.48 16.25 10.97
N ARG B 83 3.14 16.18 9.69
CA ARG B 83 2.94 14.88 9.07
C ARG B 83 4.26 14.12 9.05
N TYR B 84 5.35 14.82 8.75
CA TYR B 84 6.66 14.19 8.75
C TYR B 84 6.94 13.56 10.10
N TRP B 85 6.70 14.30 11.19
CA TRP B 85 6.99 13.73 12.49
C TRP B 85 6.03 12.59 12.85
N ARG B 86 4.74 12.75 12.53
CA ARG B 86 3.78 11.67 12.79
C ARG B 86 4.14 10.41 12.03
N GLU B 87 4.73 10.55 10.83
CA GLU B 87 5.14 9.37 10.08
C GLU B 87 6.47 8.83 10.60
N ALA B 88 7.40 9.70 10.99
CA ALA B 88 8.65 9.26 11.56
C ALA B 88 8.43 8.41 12.81
N PHE B 89 7.35 8.69 13.55
CA PHE B 89 7.07 7.88 14.74
C PHE B 89 6.74 6.43 14.37
N ARG B 90 5.84 6.23 13.41
CA ARG B 90 5.34 4.90 13.06
C ARG B 90 6.06 4.23 11.89
N LEU B 91 6.98 4.91 11.23
CA LEU B 91 7.63 4.32 10.04
C LEU B 91 8.32 2.99 10.28
N PRO B 92 9.12 2.82 11.34
CA PRO B 92 9.79 1.52 11.54
C PRO B 92 8.86 0.35 11.75
N ALA B 93 7.57 0.58 12.00
CA ALA B 93 6.63 -0.49 12.27
C ALA B 93 5.75 -0.86 11.07
N MET B 94 5.89 -0.15 9.95
CA MET B 94 5.05 -0.37 8.79
C MET B 94 5.64 -1.48 7.91
N ASP B 95 4.84 -1.92 6.95
CA ASP B 95 5.25 -2.95 5.98
C ASP B 95 6.10 -2.29 4.89
N HIS B 96 7.42 -2.38 5.04
CA HIS B 96 8.31 -1.73 4.09
C HIS B 96 8.27 -2.41 2.72
N GLY B 97 8.00 -3.72 2.70
CA GLY B 97 7.83 -4.40 1.42
C GLY B 97 6.64 -3.88 0.64
N ARG B 98 5.53 -3.62 1.34
CA ARG B 98 4.36 -3.04 0.68
C ARG B 98 4.68 -1.64 0.19
N LEU B 99 5.31 -0.82 1.03
CA LEU B 99 5.60 0.55 0.62
C LEU B 99 6.50 0.54 -0.61
N GLY B 100 7.50 -0.34 -0.63
CA GLY B 100 8.40 -0.40 -1.77
C GLY B 100 7.70 -0.90 -3.03
N GLU B 101 6.67 -1.74 -2.86
CA GLU B 101 5.97 -2.27 -4.02
C GLU B 101 4.93 -1.29 -4.57
N GLN B 102 4.37 -0.44 -3.73
CA GLN B 102 3.26 0.43 -4.13
C GLN B 102 3.65 1.87 -4.42
N LEU B 103 4.74 2.35 -3.82
CA LEU B 103 5.28 3.68 -4.11
C LEU B 103 6.25 3.65 -5.29
N ASP B 104 6.23 4.73 -6.07
CA ASP B 104 7.06 4.85 -7.26
C ASP B 104 7.91 6.12 -7.15
N VAL B 105 8.97 6.15 -7.95
CA VAL B 105 9.90 7.28 -8.02
C VAL B 105 9.98 7.73 -9.48
N ILE B 106 9.60 8.98 -9.74
CA ILE B 106 9.63 9.47 -11.11
C ILE B 106 11.07 9.49 -11.63
N ASP B 107 11.25 8.93 -12.83
CA ASP B 107 12.53 8.93 -13.53
C ASP B 107 13.61 8.21 -12.72
N ILE B 108 13.21 7.15 -12.01
CA ILE B 108 14.17 6.36 -11.24
C ILE B 108 15.23 5.73 -12.14
N ASP B 109 14.88 5.47 -13.40
CA ASP B 109 15.84 4.84 -14.32
C ASP B 109 17.13 5.62 -14.51
N HIS B 110 17.13 6.94 -14.29
CA HIS B 110 18.37 7.69 -14.28
C HIS B 110 19.36 7.03 -13.34
N LEU B 111 18.88 6.65 -12.16
CA LEU B 111 19.77 6.06 -11.18
C LEU B 111 20.17 4.67 -11.58
N TRP B 112 19.21 3.91 -12.09
CA TRP B 112 19.55 2.56 -12.47
C TRP B 112 20.67 2.61 -13.49
N SER B 113 20.50 3.43 -14.54
CA SER B 113 21.52 3.42 -15.58
C SER B 113 22.87 3.86 -15.03
N ALA B 114 22.88 4.77 -14.05
CA ALA B 114 24.15 5.20 -13.51
C ALA B 114 24.79 4.10 -12.68
N LEU B 115 23.98 3.28 -12.02
CA LEU B 115 24.52 2.11 -11.35
C LEU B 115 24.83 0.98 -12.32
N ASP B 116 24.13 0.91 -13.46
CA ASP B 116 24.54 -0.06 -14.48
C ASP B 116 25.90 0.27 -15.07
N ALA B 117 26.30 1.54 -15.05
CA ALA B 117 27.60 1.95 -15.56
C ALA B 117 28.73 1.80 -14.56
N GLY B 118 28.43 1.41 -13.32
CA GLY B 118 29.50 1.21 -12.37
C GLY B 118 30.06 2.49 -11.80
N ARG B 119 29.31 3.59 -11.87
CA ARG B 119 29.83 4.89 -11.46
C ARG B 119 29.54 5.24 -10.01
N GLY B 120 28.54 4.62 -9.39
CA GLY B 120 28.00 5.11 -8.14
C GLY B 120 27.03 6.25 -8.37
N ALA B 121 26.44 6.72 -7.28
CA ALA B 121 25.45 7.78 -7.41
C ALA B 121 25.32 8.53 -6.09
N VAL B 122 25.27 9.85 -6.19
CA VAL B 122 24.99 10.73 -5.06
C VAL B 122 23.58 11.24 -5.25
N LEU B 123 22.71 10.95 -4.30
CA LEU B 123 21.33 11.44 -4.29
C LEU B 123 21.31 12.60 -3.31
N ALA B 124 21.17 13.82 -3.82
CA ALA B 124 21.18 15.02 -3.01
C ALA B 124 19.79 15.61 -3.04
N LEU B 125 19.20 15.78 -1.86
CA LEU B 125 17.82 16.22 -1.78
C LEU B 125 17.67 17.26 -0.69
N PRO B 126 16.66 18.12 -0.79
CA PRO B 126 16.38 19.08 0.28
C PRO B 126 15.41 18.50 1.31
N HIS B 127 15.28 19.23 2.42
CA HIS B 127 14.40 18.84 3.50
C HIS B 127 12.94 19.04 3.12
N SER B 128 12.45 18.26 2.16
CA SER B 128 11.08 18.38 1.69
C SER B 128 10.37 17.04 1.83
N GLY B 129 9.07 17.09 2.07
CA GLY B 129 8.31 15.86 2.16
C GLY B 129 8.86 14.94 3.24
N ASN B 130 8.84 13.64 2.97
CA ASN B 130 9.38 12.61 3.84
C ASN B 130 10.53 11.88 3.15
N TRP B 131 11.77 12.21 3.52
CA TRP B 131 12.93 11.56 2.93
C TRP B 131 13.26 10.21 3.55
N ASP B 132 12.81 9.93 4.77
CA ASP B 132 13.00 8.60 5.32
C ASP B 132 12.14 7.58 4.59
N MET B 133 11.00 8.00 4.04
CA MET B 133 10.22 7.10 3.21
C MET B 133 10.93 6.82 1.89
N ALA B 134 11.65 7.80 1.36
CA ALA B 134 12.40 7.54 0.14
C ALA B 134 13.55 6.58 0.40
N GLY B 135 14.21 6.74 1.54
CA GLY B 135 15.28 5.81 1.87
C GLY B 135 14.76 4.38 2.03
N VAL B 136 13.65 4.22 2.75
CA VAL B 136 13.03 2.90 2.84
C VAL B 136 12.73 2.34 1.45
N TRP B 137 12.22 3.20 0.56
CA TRP B 137 11.92 2.76 -0.79
C TRP B 137 13.17 2.23 -1.48
N LEU B 138 14.30 2.90 -1.30
CA LEU B 138 15.53 2.44 -1.93
C LEU B 138 16.04 1.16 -1.26
N VAL B 139 15.86 1.05 0.06
CA VAL B 139 16.28 -0.16 0.76
C VAL B 139 15.52 -1.37 0.23
N GLN B 140 14.24 -1.18 -0.11
CA GLN B 140 13.45 -2.32 -0.59
C GLN B 140 13.64 -2.57 -2.08
N ASN B 141 13.83 -1.52 -2.87
CA ASN B 141 13.95 -1.64 -4.32
C ASN B 141 15.38 -1.73 -4.81
N TYR B 142 16.37 -1.41 -3.96
CA TYR B 142 17.77 -1.59 -4.30
C TYR B 142 18.51 -2.32 -3.19
N GLY B 143 18.52 -1.76 -1.99
CA GLY B 143 19.24 -2.33 -0.89
C GLY B 143 19.84 -1.26 0.00
N PRO B 144 20.57 -1.69 1.03
CA PRO B 144 21.16 -0.72 1.96
C PRO B 144 22.04 0.30 1.25
N PHE B 145 21.90 1.56 1.66
CA PHE B 145 22.76 2.64 1.21
C PHE B 145 23.35 3.31 2.44
N THR B 146 24.32 4.21 2.22
CA THR B 146 25.03 4.84 3.33
C THR B 146 24.73 6.34 3.38
N THR B 147 24.68 6.87 4.60
CA THR B 147 24.48 8.29 4.78
C THR B 147 25.13 8.73 6.09
N VAL B 148 25.16 10.04 6.31
CA VAL B 148 25.76 10.62 7.51
C VAL B 148 24.68 11.34 8.30
N ALA B 149 24.88 11.40 9.62
CA ALA B 149 23.96 12.05 10.55
C ALA B 149 24.76 12.96 11.47
N GLU B 150 24.35 14.22 11.57
CA GLU B 150 24.97 15.09 12.57
C GLU B 150 24.75 14.54 13.96
N ARG B 151 25.81 14.55 14.77
CA ARG B 151 25.80 13.99 16.12
C ARG B 151 25.19 15.01 17.07
N LEU B 152 23.89 14.87 17.32
CA LEU B 152 23.18 15.83 18.16
C LEU B 152 23.47 15.56 19.63
N LYS B 153 23.19 16.58 20.45
CA LYS B 153 23.30 16.41 21.88
C LYS B 153 21.92 16.53 22.52
N PRO B 154 21.63 15.72 23.56
CA PRO B 154 22.55 14.78 24.17
C PRO B 154 22.87 13.56 23.32
N GLU B 155 23.89 12.80 23.74
CA GLU B 155 24.29 11.61 23.00
C GLU B 155 23.16 10.59 22.93
N SER B 156 22.36 10.48 23.99
CA SER B 156 21.24 9.54 23.95
C SER B 156 20.29 9.86 22.80
N LEU B 157 20.09 11.15 22.52
CA LEU B 157 19.23 11.50 21.38
C LEU B 157 19.88 11.06 20.07
N TYR B 158 21.18 11.32 19.91
CA TYR B 158 21.86 10.92 18.68
C TYR B 158 21.72 9.42 18.48
N ARG B 159 21.91 8.66 19.56
CA ARG B 159 21.76 7.20 19.49
C ARG B 159 20.34 6.85 19.07
N ARG B 160 19.36 7.60 19.59
CA ARG B 160 17.97 7.38 19.21
C ARG B 160 17.78 7.53 17.69
N PHE B 161 18.33 8.60 17.10
CA PHE B 161 18.21 8.81 15.65
C PHE B 161 18.97 7.77 14.83
N VAL B 162 20.15 7.37 15.33
CA VAL B 162 20.90 6.30 14.67
C VAL B 162 20.07 5.04 14.65
N GLU B 163 19.60 4.63 15.82
CA GLU B 163 18.72 3.46 15.92
C GLU B 163 17.54 3.58 14.97
N TYR B 164 16.85 4.73 14.98
CA TYR B 164 15.69 4.90 14.10
C TYR B 164 16.01 4.61 12.64
N ARG B 165 17.03 5.30 12.08
CA ARG B 165 17.27 5.07 10.66
C ARG B 165 17.92 3.71 10.38
N GLU B 166 18.66 3.16 11.33
CA GLU B 166 19.14 1.80 11.11
C GLU B 166 17.98 0.84 11.10
N SER B 167 16.97 1.09 11.94
CA SER B 167 15.77 0.28 11.93
C SER B 167 14.99 0.49 10.65
N LEU B 168 15.33 1.54 9.89
CA LEU B 168 14.74 1.72 8.57
C LEU B 168 15.56 1.04 7.47
N GLY B 169 16.80 0.65 7.78
CA GLY B 169 17.69 -0.02 6.84
C GLY B 169 18.85 0.81 6.34
N PHE B 170 19.04 2.02 6.83
CA PHE B 170 20.12 2.88 6.38
C PHE B 170 21.41 2.56 7.12
N GLU B 171 22.54 2.76 6.43
CA GLU B 171 23.83 2.81 7.11
C GLU B 171 24.11 4.27 7.42
N VAL B 172 24.24 4.61 8.69
CA VAL B 172 24.40 5.98 9.16
C VAL B 172 25.83 6.16 9.64
N LEU B 173 26.54 7.13 9.05
CA LEU B 173 27.91 7.36 9.51
C LEU B 173 27.96 8.60 10.40
N PRO B 174 28.50 8.46 11.61
CA PRO B 174 28.67 9.61 12.51
C PRO B 174 29.61 10.66 11.96
N LEU B 175 29.09 11.88 11.80
CA LEU B 175 29.88 12.98 11.27
C LEU B 175 31.08 13.28 12.16
N THR B 176 31.01 12.88 13.43
CA THR B 176 32.11 13.04 14.37
C THR B 176 32.09 11.86 15.33
N GLY B 177 33.26 11.53 15.86
CA GLY B 177 33.40 10.43 16.79
C GLY B 177 33.42 9.05 16.17
N GLY B 178 33.47 8.94 14.84
CA GLY B 178 33.47 7.65 14.20
C GLY B 178 34.86 7.06 14.11
N GLU B 179 34.95 5.87 13.48
CA GLU B 179 36.25 5.25 13.34
C GLU B 179 37.07 5.90 12.23
N ARG B 180 36.42 6.29 11.15
CA ARG B 180 37.04 6.85 9.97
C ARG B 180 36.42 8.19 9.60
N PRO B 181 37.14 9.01 8.84
CA PRO B 181 36.59 10.25 8.32
C PRO B 181 35.46 9.95 7.35
N PRO B 182 34.29 10.53 7.56
CA PRO B 182 33.11 10.16 6.76
C PRO B 182 33.31 10.33 5.26
N PHE B 183 33.93 11.41 4.80
CA PHE B 183 34.07 11.60 3.35
C PHE B 183 34.86 10.47 2.70
N GLU B 184 35.76 9.81 3.45
CA GLU B 184 36.51 8.72 2.84
C GLU B 184 35.72 7.43 2.80
N VAL B 185 34.85 7.19 3.77
CA VAL B 185 33.96 6.04 3.65
C VAL B 185 32.96 6.28 2.54
N LEU B 186 32.45 7.52 2.43
CA LEU B 186 31.50 7.80 1.37
C LEU B 186 32.17 7.62 0.01
N ALA B 187 33.41 8.09 -0.14
CA ALA B 187 34.10 7.90 -1.41
C ALA B 187 34.27 6.42 -1.70
N GLU B 188 34.48 5.60 -0.65
CA GLU B 188 34.60 4.16 -0.88
C GLU B 188 33.27 3.56 -1.33
N ARG B 189 32.17 4.06 -0.78
CA ARG B 189 30.84 3.61 -1.21
C ARG B 189 30.60 3.96 -2.67
N LEU B 190 31.05 5.14 -3.09
CA LEU B 190 30.83 5.58 -4.48
C LEU B 190 31.70 4.79 -5.44
N THR B 191 32.97 4.58 -5.08
CA THR B 191 33.86 3.74 -5.86
C THR B 191 33.43 2.28 -5.88
N ASP B 192 32.61 1.85 -4.92
CA ASP B 192 32.02 0.52 -4.97
C ASP B 192 30.73 0.48 -5.77
N ASN B 193 30.43 1.55 -6.51
CA ASN B 193 29.22 1.61 -7.33
C ASN B 193 27.98 1.43 -6.45
N ARG B 194 27.89 2.25 -5.43
CA ARG B 194 26.76 2.21 -4.51
C ARG B 194 26.23 3.62 -4.35
N PRO B 195 24.96 3.76 -3.99
CA PRO B 195 24.38 5.09 -3.81
C PRO B 195 24.52 5.59 -2.39
N ILE B 196 24.76 6.90 -2.28
CA ILE B 196 24.74 7.58 -0.99
C ILE B 196 23.69 8.67 -1.10
N CYS B 197 23.11 9.02 0.04
CA CYS B 197 22.05 10.01 0.13
C CYS B 197 22.46 11.13 1.07
N LEU B 198 22.38 12.37 0.60
CA LEU B 198 22.81 13.54 1.35
C LEU B 198 21.76 14.63 1.29
N MET B 199 21.37 15.09 2.48
CA MET B 199 20.54 16.28 2.65
C MET B 199 21.39 17.53 2.40
N ALA B 200 21.14 18.20 1.28
CA ALA B 200 22.13 19.07 0.66
C ALA B 200 21.54 20.45 0.38
N GLU B 201 20.70 20.94 1.29
CA GLU B 201 20.18 22.29 1.14
C GLU B 201 20.50 23.19 2.32
N ARG B 202 21.26 22.72 3.30
CA ARG B 202 21.56 23.54 4.48
C ARG B 202 22.92 23.16 5.03
N ASP B 203 23.80 24.14 5.19
CA ASP B 203 25.06 23.93 5.86
C ASP B 203 25.67 25.27 6.24
N LEU B 204 25.26 25.81 7.37
CA LEU B 204 25.64 27.16 7.78
C LEU B 204 26.92 27.15 8.62
N THR B 205 27.90 26.33 8.23
CA THR B 205 29.22 26.31 8.85
C THR B 205 30.27 27.00 7.99
N ARG B 206 31.49 27.09 8.53
CA ARG B 206 32.59 27.69 7.79
C ARG B 206 32.92 26.95 6.50
N SER B 207 32.58 25.67 6.41
CA SER B 207 32.96 24.88 5.24
C SER B 207 31.85 24.76 4.23
N GLY B 208 30.77 25.52 4.39
CA GLY B 208 29.74 25.52 3.38
C GLY B 208 30.05 26.45 2.21
N VAL B 209 29.50 26.07 1.07
CA VAL B 209 29.66 26.78 -0.19
C VAL B 209 28.61 27.89 -0.28
N GLN B 210 29.06 29.13 -0.34
CA GLN B 210 28.13 30.26 -0.47
C GLN B 210 27.51 30.24 -1.86
N VAL B 211 26.18 30.39 -1.91
CA VAL B 211 25.45 30.31 -3.18
C VAL B 211 24.20 31.20 -3.11
N ASP B 212 23.66 31.49 -4.29
CA ASP B 212 22.37 32.17 -4.42
C ASP B 212 21.22 31.18 -4.25
N PHE B 213 20.22 31.56 -3.48
CA PHE B 213 19.08 30.68 -3.20
C PHE B 213 17.83 31.55 -3.09
N PHE B 214 17.00 31.54 -4.13
CA PHE B 214 15.83 32.41 -4.16
C PHE B 214 16.24 33.87 -4.07
N GLY B 215 17.38 34.19 -4.68
CA GLY B 215 17.81 35.56 -4.73
C GLY B 215 18.57 36.03 -3.51
N GLU B 216 18.85 35.15 -2.54
CA GLU B 216 19.56 35.60 -1.35
C GLU B 216 20.68 34.63 -1.02
N ALA B 217 21.65 35.12 -0.24
CA ALA B 217 22.86 34.35 -0.01
C ALA B 217 22.65 33.32 1.07
N THR B 218 23.00 32.07 0.78
CA THR B 218 23.02 31.05 1.82
C THR B 218 24.30 30.24 1.64
N ARG B 219 24.42 29.17 2.42
CA ARG B 219 25.56 28.26 2.33
C ARG B 219 25.03 26.83 2.32
N MET B 220 25.56 26.01 1.41
CA MET B 220 25.15 24.62 1.29
C MET B 220 26.37 23.71 1.37
N PRO B 221 26.20 22.47 1.78
CA PRO B 221 27.38 21.60 1.93
C PRO B 221 28.03 21.32 0.59
N ALA B 222 29.35 21.21 0.63
CA ALA B 222 30.16 20.86 -0.54
C ALA B 222 30.25 19.36 -0.77
N GLY B 223 29.79 18.55 0.18
CA GLY B 223 29.94 17.12 0.12
C GLY B 223 29.53 16.52 -1.21
N PRO B 224 28.30 16.81 -1.67
CA PRO B 224 27.87 16.19 -2.94
C PRO B 224 28.80 16.50 -4.09
N ALA B 225 29.21 17.76 -4.26
CA ALA B 225 30.11 18.09 -5.36
C ALA B 225 31.48 17.47 -5.16
N LYS B 226 31.99 17.48 -3.92
CA LYS B 226 33.32 16.94 -3.68
C LYS B 226 33.35 15.46 -3.99
N LEU B 227 32.25 14.76 -3.70
CA LEU B 227 32.20 13.32 -3.88
C LEU B 227 31.94 12.96 -5.33
N ALA B 228 31.13 13.76 -6.04
CA ALA B 228 30.92 13.51 -7.45
C ALA B 228 32.18 13.77 -8.26
N ILE B 229 32.97 14.77 -7.86
CA ILE B 229 34.25 15.01 -8.52
C ILE B 229 35.24 13.89 -8.21
N GLU B 230 35.51 13.64 -6.92
CA GLU B 230 36.56 12.71 -6.55
C GLU B 230 36.31 11.29 -7.05
N THR B 231 35.05 10.89 -7.18
CA THR B 231 34.73 9.51 -7.58
C THR B 231 34.12 9.41 -8.96
N GLY B 232 33.73 10.52 -9.58
CA GLY B 232 33.00 10.46 -10.82
C GLY B 232 31.57 9.98 -10.69
N ALA B 233 31.06 9.83 -9.47
CA ALA B 233 29.70 9.35 -9.30
C ALA B 233 28.72 10.34 -9.90
N ALA B 234 27.59 9.83 -10.36
CA ALA B 234 26.54 10.70 -10.87
C ALA B 234 25.86 11.45 -9.73
N LEU B 235 25.76 12.76 -9.88
CA LEU B 235 25.16 13.61 -8.85
C LEU B 235 23.75 13.92 -9.31
N PHE B 236 22.77 13.26 -8.69
CA PHE B 236 21.39 13.37 -9.09
C PHE B 236 20.68 14.29 -8.11
N PRO B 237 20.02 15.35 -8.58
CA PRO B 237 19.05 16.04 -7.72
C PRO B 237 17.83 15.18 -7.48
N VAL B 238 17.35 15.22 -6.24
CA VAL B 238 16.20 14.44 -5.80
C VAL B 238 15.27 15.35 -5.04
N HIS B 239 13.97 15.05 -5.15
CA HIS B 239 12.95 15.83 -4.46
C HIS B 239 11.89 14.91 -3.90
N CYS B 240 11.48 15.19 -2.66
CA CYS B 240 10.39 14.47 -2.03
C CYS B 240 9.30 15.46 -1.63
N TRP B 241 8.04 15.04 -1.75
CA TRP B 241 6.91 15.87 -1.38
C TRP B 241 5.75 14.96 -0.98
N PHE B 242 4.65 15.56 -0.55
CA PHE B 242 3.46 14.82 -0.15
C PHE B 242 2.40 14.98 -1.25
N GLU B 243 2.08 13.87 -1.93
CA GLU B 243 1.11 13.86 -3.02
C GLU B 243 -0.22 13.31 -2.52
N GLY B 244 -1.00 14.18 -1.89
CA GLY B 244 -2.25 13.74 -1.27
C GLY B 244 -2.00 12.97 0.01
N ASP B 245 -2.62 11.79 0.11
CA ASP B 245 -2.37 10.87 1.20
C ASP B 245 -1.20 9.93 0.91
N GLY B 246 -0.51 10.14 -0.22
CA GLY B 246 0.65 9.37 -0.59
C GLY B 246 1.95 10.16 -0.48
N TRP B 247 2.99 9.65 -1.12
CA TRP B 247 4.31 10.27 -1.08
C TRP B 247 4.83 10.38 -2.50
N GLY B 248 5.22 11.59 -2.89
CA GLY B 248 5.78 11.83 -4.21
C GLY B 248 7.30 11.96 -4.13
N MET B 249 7.98 11.32 -5.06
CA MET B 249 9.43 11.30 -5.09
C MET B 249 9.91 11.37 -6.54
N ARG B 250 11.05 12.02 -6.75
CA ARG B 250 11.54 12.22 -8.10
C ARG B 250 13.06 12.34 -8.12
N VAL B 251 13.67 11.71 -9.12
CA VAL B 251 15.08 11.86 -9.44
C VAL B 251 15.23 12.71 -10.69
N TYR B 252 16.12 13.69 -10.65
CA TYR B 252 16.32 14.59 -11.77
C TYR B 252 17.64 14.32 -12.46
N PRO B 253 17.80 14.77 -13.70
CA PRO B 253 19.03 14.50 -14.45
C PRO B 253 20.27 14.88 -13.64
N GLU B 254 21.31 14.07 -13.77
CA GLU B 254 22.54 14.31 -13.05
C GLU B 254 23.20 15.62 -13.48
N LEU B 255 23.87 16.26 -12.53
CA LEU B 255 24.47 17.57 -12.79
C LEU B 255 25.76 17.44 -13.58
N ASP B 256 26.11 18.52 -14.28
CA ASP B 256 27.33 18.58 -15.08
C ASP B 256 28.49 18.96 -14.16
N THR B 257 29.39 18.02 -13.88
CA THR B 257 30.57 18.27 -13.07
C THR B 257 31.81 18.55 -13.92
N SER B 258 31.61 18.96 -15.17
CA SER B 258 32.73 19.22 -16.07
C SER B 258 33.64 20.32 -15.54
N SER B 259 33.06 21.36 -14.96
CA SER B 259 33.87 22.49 -14.52
C SER B 259 34.81 22.11 -13.38
N GLY B 260 34.43 21.11 -12.58
CA GLY B 260 35.20 20.77 -11.41
C GLY B 260 35.22 21.83 -10.33
N ASP B 261 34.37 22.86 -10.46
CA ASP B 261 34.32 23.94 -9.48
C ASP B 261 33.25 23.57 -8.46
N VAL B 262 33.65 23.41 -7.20
CA VAL B 262 32.69 23.00 -6.17
C VAL B 262 31.60 24.05 -6.04
N THR B 263 31.96 25.32 -6.20
CA THR B 263 30.97 26.39 -6.09
C THR B 263 29.95 26.33 -7.22
N ALA B 264 30.42 26.18 -8.46
CA ALA B 264 29.49 26.15 -9.60
C ALA B 264 28.57 24.94 -9.53
N ILE B 265 29.10 23.79 -9.08
CA ILE B 265 28.27 22.58 -9.04
C ILE B 265 27.24 22.70 -7.92
N THR B 266 27.68 23.11 -6.73
CA THR B 266 26.74 23.26 -5.62
C THR B 266 25.70 24.34 -5.93
N GLN B 267 26.10 25.37 -6.69
CA GLN B 267 25.13 26.38 -7.11
C GLN B 267 24.11 25.82 -8.10
N ALA B 268 24.54 25.00 -9.05
CA ALA B 268 23.55 24.37 -9.93
C ALA B 268 22.62 23.45 -9.15
N LEU B 269 23.15 22.80 -8.12
CA LEU B 269 22.31 21.97 -7.27
C LEU B 269 21.31 22.83 -6.54
N ALA B 270 21.75 23.99 -6.04
CA ALA B 270 20.83 24.86 -5.34
C ALA B 270 19.75 25.36 -6.28
N ASP B 271 20.12 25.68 -7.53
CA ASP B 271 19.13 26.15 -8.49
C ASP B 271 18.06 25.11 -8.72
N ARG B 272 18.44 23.83 -8.83
CA ARG B 272 17.45 22.77 -8.99
C ARG B 272 16.61 22.59 -7.73
N PHE B 273 17.23 22.67 -6.56
CA PHE B 273 16.47 22.56 -5.32
C PHE B 273 15.46 23.71 -5.21
N ALA B 274 15.88 24.93 -5.51
CA ALA B 274 14.98 26.08 -5.47
C ALA B 274 13.86 25.93 -6.49
N ALA B 275 14.17 25.38 -7.66
CA ALA B 275 13.15 25.18 -8.68
C ALA B 275 12.11 24.16 -8.24
N ASN B 276 12.54 23.11 -7.55
CA ASN B 276 11.60 22.10 -7.09
C ASN B 276 10.79 22.59 -5.88
N ILE B 277 11.46 23.25 -4.94
CA ILE B 277 10.80 23.81 -3.77
C ILE B 277 9.73 24.83 -4.18
N ALA B 278 9.99 25.62 -5.22
CA ALA B 278 8.98 26.55 -5.70
C ALA B 278 7.76 25.83 -6.24
N THR B 279 7.92 24.58 -6.68
CA THR B 279 6.81 23.80 -7.19
C THR B 279 5.97 23.20 -6.07
N TYR B 280 6.62 22.74 -4.99
CA TYR B 280 5.95 22.17 -3.82
C TYR B 280 6.34 22.97 -2.58
N PRO B 281 5.91 24.23 -2.49
CA PRO B 281 6.35 25.09 -1.39
C PRO B 281 5.87 24.63 -0.03
N ALA B 282 4.70 24.00 0.06
CA ALA B 282 4.21 23.61 1.37
C ALA B 282 4.95 22.42 1.95
N ASP B 283 5.60 21.62 1.10
CA ASP B 283 6.21 20.42 1.64
C ASP B 283 7.64 20.65 2.09
N TRP B 284 8.14 21.89 2.11
CA TRP B 284 9.51 22.07 2.56
C TRP B 284 9.41 22.60 3.98
N HIS B 285 9.60 21.69 4.95
CA HIS B 285 9.48 21.94 6.39
C HIS B 285 10.85 22.33 6.94
N MET B 286 11.25 23.56 6.65
CA MET B 286 12.50 24.19 7.08
C MET B 286 12.13 25.24 8.11
N LEU B 287 12.06 24.81 9.37
CA LEU B 287 11.82 25.71 10.50
C LEU B 287 13.08 26.29 11.12
N GLN B 288 14.25 25.82 10.73
CA GLN B 288 15.45 26.46 11.25
C GLN B 288 15.84 27.61 10.33
N PRO B 289 16.65 28.55 10.81
CA PRO B 289 17.14 29.63 9.94
C PRO B 289 17.89 29.09 8.73
N GLN B 290 17.49 29.58 7.54
CA GLN B 290 18.14 29.14 6.31
C GLN B 290 19.03 30.22 5.69
N TRP B 291 18.57 31.46 5.57
CA TRP B 291 19.38 32.46 4.90
C TRP B 291 20.28 33.21 5.89
N ILE B 292 21.46 33.59 5.41
CA ILE B 292 22.45 34.25 6.24
C ILE B 292 21.90 35.51 6.89
N ALA B 293 21.09 36.27 6.15
CA ALA B 293 20.60 37.54 6.67
C ALA B 293 19.81 37.39 7.95
N ASP B 294 19.15 36.25 8.15
CA ASP B 294 18.38 36.10 9.38
C ASP B 294 19.24 35.73 10.58
N LEU B 295 20.56 35.68 10.44
CA LEU B 295 21.42 35.36 11.57
C LEU B 295 22.07 36.65 12.07
N SER B 296 22.59 36.59 13.30
CA SER B 296 23.24 37.76 13.89
C SER B 296 24.75 37.60 14.01
N ASP B 297 25.21 36.43 14.46
CA ASP B 297 26.64 36.21 14.66
C ASP B 297 27.03 35.00 13.83
N GLU B 298 27.77 35.25 12.75
CA GLU B 298 28.21 34.23 11.81
C GLU B 298 29.64 33.82 12.14
N ARG B 299 29.88 32.51 12.22
CA ARG B 299 31.20 31.96 12.50
C ARG B 299 31.10 30.54 13.03
N PRO C 51 -32.40 -34.34 0.83
CA PRO C 51 -31.84 -34.66 2.16
C PRO C 51 -30.80 -35.76 2.10
N GLU C 52 -30.93 -36.68 1.13
CA GLU C 52 -29.93 -37.71 0.96
C GLU C 52 -28.60 -37.11 0.50
N GLN C 53 -28.67 -36.13 -0.41
CA GLN C 53 -27.45 -35.46 -0.83
C GLN C 53 -26.83 -34.69 0.32
N LEU C 54 -27.67 -34.20 1.24
CA LEU C 54 -27.14 -33.54 2.43
C LEU C 54 -26.33 -34.51 3.28
N ARG C 55 -26.85 -35.73 3.48
CA ARG C 55 -26.07 -36.75 4.17
C ARG C 55 -24.77 -37.05 3.45
N ARG C 56 -24.81 -37.12 2.11
CA ARG C 56 -23.59 -37.43 1.37
C ARG C 56 -22.58 -36.30 1.48
N ASN C 57 -23.04 -35.06 1.63
CA ASN C 57 -22.13 -33.93 1.80
C ASN C 57 -21.58 -33.86 3.21
N LEU C 58 -22.43 -34.04 4.23
CA LEU C 58 -21.89 -34.08 5.57
C LEU C 58 -20.89 -35.21 5.70
N ALA C 59 -21.05 -36.24 4.87
CA ALA C 59 -20.08 -37.33 4.85
C ALA C 59 -18.69 -36.79 4.52
N ARG C 60 -18.63 -35.85 3.57
CA ARG C 60 -17.37 -35.22 3.19
C ARG C 60 -16.87 -34.32 4.29
N VAL C 61 -17.80 -33.62 4.94
CA VAL C 61 -17.43 -32.63 5.96
C VAL C 61 -16.78 -33.31 7.16
N VAL C 62 -17.33 -34.46 7.58
CA VAL C 62 -16.82 -35.17 8.76
C VAL C 62 -15.81 -36.25 8.42
N GLY C 63 -15.68 -36.65 7.17
CA GLY C 63 -14.71 -37.66 6.82
C GLY C 63 -15.10 -39.08 7.20
N LYS C 64 -16.34 -39.44 6.90
CA LYS C 64 -16.91 -40.75 7.16
C LYS C 64 -17.78 -41.12 5.98
N PRO C 65 -18.07 -42.40 5.80
CA PRO C 65 -18.99 -42.79 4.73
C PRO C 65 -20.38 -42.23 5.02
N PRO C 66 -21.22 -42.08 4.00
CA PRO C 66 -22.56 -41.49 4.24
C PRO C 66 -23.32 -42.19 5.35
N ALA C 67 -23.25 -43.53 5.40
CA ALA C 67 -24.01 -44.30 6.37
C ALA C 67 -23.53 -44.13 7.79
N ASP C 68 -22.30 -43.65 7.99
CA ASP C 68 -21.72 -43.44 9.32
C ASP C 68 -21.87 -42.02 9.85
N VAL C 69 -22.55 -41.15 9.13
CA VAL C 69 -22.77 -39.78 9.62
C VAL C 69 -23.65 -39.81 10.87
N PRO C 70 -23.23 -39.19 11.96
CA PRO C 70 -23.98 -39.23 13.23
C PRO C 70 -25.41 -38.74 13.04
N ASP C 71 -26.35 -39.51 13.58
CA ASP C 71 -27.76 -39.13 13.50
C ASP C 71 -28.03 -37.79 14.16
N ASP C 72 -27.26 -37.43 15.18
CA ASP C 72 -27.50 -36.14 15.80
C ASP C 72 -27.10 -35.01 14.87
N LEU C 73 -26.07 -35.23 14.04
CA LEU C 73 -25.68 -34.18 13.10
C LEU C 73 -26.68 -34.04 11.96
N ILE C 74 -27.19 -35.17 11.46
CA ILE C 74 -28.21 -35.10 10.42
C ILE C 74 -29.43 -34.36 10.93
N ARG C 75 -29.88 -34.70 12.14
CA ARG C 75 -31.04 -34.01 12.71
C ARG C 75 -30.78 -32.52 12.91
N ALA C 76 -29.59 -32.16 13.40
CA ALA C 76 -29.25 -30.75 13.56
C ALA C 76 -29.20 -30.01 12.24
N SER C 77 -28.75 -30.66 11.17
CA SER C 77 -28.68 -29.97 9.88
C SER C 77 -30.07 -29.77 9.30
N LEU C 78 -30.93 -30.78 9.40
CA LEU C 78 -32.31 -30.62 8.93
C LEU C 78 -33.03 -29.54 9.72
N ALA C 79 -32.79 -29.48 11.03
CA ALA C 79 -33.38 -28.43 11.86
C ALA C 79 -32.86 -27.05 11.49
N SER C 80 -31.58 -26.93 11.16
CA SER C 80 -31.04 -25.66 10.70
C SER C 80 -31.66 -25.20 9.39
N TYR C 81 -31.76 -26.11 8.42
CA TYR C 81 -32.38 -25.75 7.14
C TYR C 81 -33.84 -25.32 7.32
N ALA C 82 -34.59 -26.06 8.14
CA ALA C 82 -35.97 -25.66 8.38
C ALA C 82 -36.01 -24.31 9.08
N ARG C 83 -35.06 -24.08 10.00
CA ARG C 83 -35.07 -22.82 10.73
C ARG C 83 -34.82 -21.66 9.78
N TYR C 84 -33.90 -21.86 8.83
CA TYR C 84 -33.60 -20.81 7.87
C TYR C 84 -34.87 -20.42 7.14
N TRP C 85 -35.63 -21.40 6.65
CA TRP C 85 -36.84 -21.05 5.90
C TRP C 85 -37.89 -20.43 6.82
N ARG C 86 -38.03 -20.95 8.04
CA ARG C 86 -38.97 -20.40 9.00
C ARG C 86 -38.68 -18.95 9.34
N GLU C 87 -37.39 -18.58 9.35
CA GLU C 87 -37.01 -17.21 9.60
C GLU C 87 -37.17 -16.35 8.37
N ALA C 88 -36.82 -16.90 7.19
CA ALA C 88 -37.00 -16.15 5.96
C ALA C 88 -38.46 -15.77 5.74
N PHE C 89 -39.40 -16.58 6.23
CA PHE C 89 -40.80 -16.22 6.06
C PHE C 89 -41.16 -14.95 6.81
N ARG C 90 -40.78 -14.85 8.08
CA ARG C 90 -41.17 -13.70 8.90
C ARG C 90 -40.14 -12.58 8.95
N LEU C 91 -38.98 -12.76 8.32
CA LEU C 91 -37.91 -11.76 8.44
C LEU C 91 -38.31 -10.36 7.99
N PRO C 92 -38.98 -10.17 6.84
CA PRO C 92 -39.32 -8.80 6.42
C PRO C 92 -40.28 -8.07 7.36
N ALA C 93 -40.92 -8.75 8.30
CA ALA C 93 -41.88 -8.11 9.19
C ALA C 93 -41.32 -7.80 10.58
N MET C 94 -40.07 -8.17 10.85
CA MET C 94 -39.47 -7.99 12.16
C MET C 94 -38.89 -6.58 12.32
N ASP C 95 -38.56 -6.24 13.56
CA ASP C 95 -37.94 -4.97 13.94
C ASP C 95 -36.45 -5.03 13.65
N HIS C 96 -36.05 -4.51 12.48
CA HIS C 96 -34.68 -4.59 12.04
C HIS C 96 -33.74 -3.71 12.87
N GLY C 97 -34.25 -2.59 13.41
CA GLY C 97 -33.43 -1.80 14.33
C GLY C 97 -33.07 -2.53 15.60
N ARG C 98 -34.01 -3.31 16.15
CA ARG C 98 -33.68 -4.08 17.33
C ARG C 98 -32.65 -5.15 17.00
N LEU C 99 -32.85 -5.86 15.88
CA LEU C 99 -31.91 -6.92 15.53
C LEU C 99 -30.52 -6.33 15.36
N GLY C 100 -30.44 -5.17 14.69
CA GLY C 100 -29.15 -4.56 14.44
C GLY C 100 -28.49 -4.12 15.73
N GLU C 101 -29.30 -3.77 16.73
CA GLU C 101 -28.74 -3.31 18.00
C GLU C 101 -28.33 -4.46 18.91
N GLN C 102 -28.97 -5.62 18.78
CA GLN C 102 -28.76 -6.73 19.71
C GLN C 102 -27.84 -7.84 19.18
N LEU C 103 -27.76 -8.00 17.87
CA LEU C 103 -26.83 -8.93 17.23
C LEU C 103 -25.48 -8.27 16.95
N ASP C 104 -24.42 -9.08 17.08
CA ASP C 104 -23.05 -8.62 16.88
C ASP C 104 -22.36 -9.49 15.84
N VAL C 105 -21.26 -8.96 15.30
CA VAL C 105 -20.45 -9.62 14.28
C VAL C 105 -19.03 -9.68 14.80
N ILE C 106 -18.49 -10.90 14.93
CA ILE C 106 -17.13 -11.07 15.42
C ILE C 106 -16.14 -10.43 14.46
N ASP C 107 -15.24 -9.61 15.02
CA ASP C 107 -14.15 -9.00 14.26
C ASP C 107 -14.70 -8.12 13.13
N ILE C 108 -15.83 -7.47 13.41
CA ILE C 108 -16.39 -6.55 12.42
C ILE C 108 -15.43 -5.41 12.12
N ASP C 109 -14.57 -5.04 13.06
CA ASP C 109 -13.65 -3.94 12.78
C ASP C 109 -12.75 -4.20 11.57
N HIS C 110 -12.48 -5.46 11.22
CA HIS C 110 -11.77 -5.75 9.98
C HIS C 110 -12.46 -5.06 8.82
N LEU C 111 -13.78 -5.14 8.79
CA LEU C 111 -14.52 -4.57 7.68
C LEU C 111 -14.51 -3.07 7.80
N TRP C 112 -14.67 -2.60 9.03
CA TRP C 112 -14.72 -1.17 9.24
C TRP C 112 -13.41 -0.58 8.75
N SER C 113 -12.29 -1.15 9.21
CA SER C 113 -11.02 -0.58 8.82
C SER C 113 -10.85 -0.63 7.31
N ALA C 114 -11.42 -1.65 6.65
CA ALA C 114 -11.27 -1.69 5.21
C ALA C 114 -12.11 -0.61 4.56
N LEU C 115 -13.25 -0.25 5.15
CA LEU C 115 -13.94 0.91 4.61
C LEU C 115 -13.32 2.21 5.11
N ASP C 116 -12.66 2.22 6.28
CA ASP C 116 -11.92 3.44 6.62
C ASP C 116 -10.77 3.69 5.66
N ALA C 117 -10.25 2.65 5.00
CA ALA C 117 -9.17 2.80 4.04
C ALA C 117 -9.65 3.16 2.65
N GLY C 118 -10.96 3.20 2.41
CA GLY C 118 -11.41 3.60 1.10
C GLY C 118 -11.25 2.53 0.04
N ARG C 119 -11.12 1.26 0.44
CA ARG C 119 -10.82 0.21 -0.55
C ARG C 119 -12.07 -0.50 -1.07
N GLY C 120 -13.18 -0.44 -0.34
CA GLY C 120 -14.29 -1.35 -0.57
C GLY C 120 -14.06 -2.70 0.07
N ALA C 121 -15.06 -3.56 -0.05
CA ALA C 121 -14.94 -4.86 0.60
C ALA C 121 -15.84 -5.88 -0.07
N VAL C 122 -15.28 -7.07 -0.28
CA VAL C 122 -16.00 -8.22 -0.80
C VAL C 122 -16.21 -9.14 0.40
N LEU C 123 -17.46 -9.42 0.72
CA LEU C 123 -17.82 -10.35 1.78
C LEU C 123 -18.22 -11.64 1.11
N ALA C 124 -17.40 -12.67 1.26
CA ALA C 124 -17.62 -13.97 0.63
C ALA C 124 -17.94 -14.95 1.74
N LEU C 125 -19.10 -15.58 1.65
CA LEU C 125 -19.58 -16.44 2.71
C LEU C 125 -20.17 -17.70 2.11
N PRO C 126 -20.19 -18.80 2.87
CA PRO C 126 -20.87 -20.01 2.42
C PRO C 126 -22.33 -20.03 2.86
N HIS C 127 -23.06 -20.99 2.32
CA HIS C 127 -24.46 -21.16 2.66
C HIS C 127 -24.62 -21.76 4.05
N SER C 128 -24.25 -21.00 5.09
CA SER C 128 -24.34 -21.47 6.46
C SER C 128 -25.18 -20.50 7.28
N GLY C 129 -25.86 -21.04 8.29
CA GLY C 129 -26.69 -20.21 9.15
C GLY C 129 -27.74 -19.45 8.35
N ASN C 130 -27.99 -18.21 8.76
CA ASN C 130 -28.92 -17.33 8.07
C ASN C 130 -28.15 -16.12 7.56
N TRP C 131 -27.87 -16.09 6.26
CA TRP C 131 -27.16 -14.96 5.65
C TRP C 131 -28.06 -13.76 5.37
N ASP C 132 -29.37 -13.98 5.25
CA ASP C 132 -30.28 -12.86 5.11
C ASP C 132 -30.37 -12.05 6.40
N MET C 133 -30.19 -12.71 7.55
CA MET C 133 -30.12 -11.97 8.80
C MET C 133 -28.83 -11.15 8.87
N ALA C 134 -27.74 -11.68 8.32
CA ALA C 134 -26.49 -10.92 8.31
C ALA C 134 -26.62 -9.69 7.43
N GLY C 135 -27.30 -9.85 6.29
CA GLY C 135 -27.54 -8.69 5.44
C GLY C 135 -28.38 -7.64 6.14
N VAL C 136 -29.46 -8.05 6.80
CA VAL C 136 -30.25 -7.11 7.59
C VAL C 136 -29.36 -6.38 8.60
N TRP C 137 -28.47 -7.11 9.27
CA TRP C 137 -27.55 -6.50 10.23
C TRP C 137 -26.68 -5.45 9.57
N LEU C 138 -26.17 -5.73 8.37
CA LEU C 138 -25.30 -4.76 7.73
C LEU C 138 -26.10 -3.57 7.23
N VAL C 139 -27.33 -3.80 6.78
CA VAL C 139 -28.17 -2.70 6.33
C VAL C 139 -28.44 -1.73 7.47
N GLN C 140 -28.59 -2.25 8.69
CA GLN C 140 -28.87 -1.37 9.83
C GLN C 140 -27.63 -0.74 10.46
N ASN C 141 -26.50 -1.44 10.46
CA ASN C 141 -25.29 -0.91 11.10
C ASN C 141 -24.39 -0.17 10.12
N TYR C 142 -24.61 -0.33 8.82
CA TYR C 142 -23.89 0.42 7.79
C TYR C 142 -24.83 1.06 6.78
N GLY C 143 -25.63 0.24 6.09
CA GLY C 143 -26.50 0.76 5.06
C GLY C 143 -26.63 -0.19 3.90
N PRO C 144 -27.39 0.23 2.89
CA PRO C 144 -27.61 -0.64 1.73
C PRO C 144 -26.30 -1.08 1.09
N PHE C 145 -26.24 -2.36 0.74
CA PHE C 145 -25.12 -2.94 0.01
C PHE C 145 -25.69 -3.62 -1.22
N THR C 146 -24.81 -4.05 -2.13
CA THR C 146 -25.27 -4.64 -3.38
C THR C 146 -24.91 -6.12 -3.43
N THR C 147 -25.78 -6.92 -4.05
CA THR C 147 -25.51 -8.34 -4.24
C THR C 147 -26.24 -8.82 -5.50
N VAL C 148 -25.94 -10.06 -5.88
CA VAL C 148 -26.54 -10.70 -7.05
C VAL C 148 -27.33 -11.93 -6.61
N ALA C 149 -28.38 -12.25 -7.38
CA ALA C 149 -29.26 -13.38 -7.14
C ALA C 149 -29.41 -14.13 -8.45
N GLU C 150 -29.16 -15.44 -8.45
CA GLU C 150 -29.44 -16.19 -9.67
C GLU C 150 -30.91 -16.05 -10.02
N ARG C 151 -31.18 -15.83 -11.31
CA ARG C 151 -32.54 -15.58 -11.80
C ARG C 151 -33.23 -16.93 -11.96
N LEU C 152 -34.02 -17.31 -10.96
CA LEU C 152 -34.71 -18.60 -10.98
C LEU C 152 -35.91 -18.56 -11.92
N LYS C 153 -36.35 -19.75 -12.32
CA LYS C 153 -37.57 -19.91 -13.10
C LYS C 153 -38.62 -20.66 -12.31
N PRO C 154 -39.89 -20.25 -12.42
CA PRO C 154 -40.36 -19.17 -13.29
C PRO C 154 -39.97 -17.76 -12.84
N GLU C 155 -40.21 -16.80 -13.74
CA GLU C 155 -39.91 -15.41 -13.45
C GLU C 155 -40.67 -14.89 -12.24
N SER C 156 -41.92 -15.32 -12.04
CA SER C 156 -42.65 -14.84 -10.89
C SER C 156 -41.94 -15.21 -9.59
N LEU C 157 -41.33 -16.41 -9.56
CA LEU C 157 -40.57 -16.82 -8.37
C LEU C 157 -39.34 -15.94 -8.17
N TYR C 158 -38.59 -15.67 -9.25
CA TYR C 158 -37.44 -14.78 -9.14
C TYR C 158 -37.89 -13.41 -8.64
N ARG C 159 -38.99 -12.90 -9.16
CA ARG C 159 -39.51 -11.62 -8.69
C ARG C 159 -39.80 -11.69 -7.20
N ARG C 160 -40.35 -12.82 -6.75
CA ARG C 160 -40.63 -13.03 -5.33
C ARG C 160 -39.35 -12.90 -4.50
N PHE C 161 -38.27 -13.57 -4.92
CA PHE C 161 -37.02 -13.48 -4.17
C PHE C 161 -36.42 -12.08 -4.22
N VAL C 162 -36.54 -11.42 -5.37
CA VAL C 162 -36.06 -10.05 -5.49
C VAL C 162 -36.79 -9.18 -4.49
N GLU C 163 -38.12 -9.22 -4.53
CA GLU C 163 -38.95 -8.46 -3.62
C GLU C 163 -38.55 -8.75 -2.17
N TYR C 164 -38.41 -10.02 -1.81
CA TYR C 164 -38.03 -10.40 -0.46
C TYR C 164 -36.75 -9.68 -0.02
N ARG C 165 -35.70 -9.82 -0.82
CA ARG C 165 -34.43 -9.25 -0.38
C ARG C 165 -34.45 -7.74 -0.47
N GLU C 166 -35.23 -7.18 -1.39
CA GLU C 166 -35.37 -5.73 -1.45
C GLU C 166 -36.11 -5.23 -0.21
N SER C 167 -37.08 -6.01 0.25
CA SER C 167 -37.80 -5.68 1.47
C SER C 167 -36.89 -5.81 2.69
N LEU C 168 -35.73 -6.45 2.53
CA LEU C 168 -34.76 -6.47 3.60
C LEU C 168 -33.77 -5.32 3.52
N GLY C 169 -33.70 -4.61 2.39
CA GLY C 169 -32.82 -3.48 2.20
C GLY C 169 -31.65 -3.73 1.27
N PHE C 170 -31.58 -4.88 0.63
CA PHE C 170 -30.50 -5.25 -0.27
C PHE C 170 -30.77 -4.73 -1.68
N GLU C 171 -29.70 -4.40 -2.39
CA GLU C 171 -29.77 -4.19 -3.82
C GLU C 171 -29.39 -5.52 -4.48
N VAL C 172 -30.32 -6.09 -5.24
CA VAL C 172 -30.16 -7.40 -5.86
C VAL C 172 -29.95 -7.21 -7.36
N LEU C 173 -28.85 -7.72 -7.88
CA LEU C 173 -28.60 -7.58 -9.31
C LEU C 173 -28.89 -8.89 -10.03
N PRO C 174 -29.76 -8.87 -11.05
CA PRO C 174 -30.05 -10.08 -11.82
C PRO C 174 -28.83 -10.58 -12.58
N LEU C 175 -28.47 -11.84 -12.31
CA LEU C 175 -27.34 -12.46 -12.99
C LEU C 175 -27.51 -12.48 -14.50
N THR C 176 -28.76 -12.39 -14.98
CA THR C 176 -29.06 -12.32 -16.40
C THR C 176 -30.30 -11.44 -16.58
N GLY C 177 -30.41 -10.83 -17.77
CA GLY C 177 -31.57 -10.00 -18.06
C GLY C 177 -31.51 -8.61 -17.47
N GLY C 178 -30.38 -8.20 -16.89
CA GLY C 178 -30.27 -6.88 -16.31
C GLY C 178 -29.87 -5.86 -17.36
N GLU C 179 -29.73 -4.61 -16.94
CA GLU C 179 -29.34 -3.60 -17.92
C GLU C 179 -27.86 -3.69 -18.23
N ARG C 180 -27.06 -3.99 -17.22
CA ARG C 180 -25.61 -4.01 -17.28
C ARG C 180 -25.06 -5.34 -16.78
N PRO C 181 -23.83 -5.67 -17.15
CA PRO C 181 -23.17 -6.87 -16.61
C PRO C 181 -22.95 -6.73 -15.11
N PRO C 182 -23.38 -7.71 -14.33
CA PRO C 182 -23.33 -7.55 -12.86
C PRO C 182 -21.95 -7.22 -12.33
N PHE C 183 -20.89 -7.83 -12.85
CA PHE C 183 -19.56 -7.63 -12.27
C PHE C 183 -18.97 -6.26 -12.60
N GLU C 184 -19.52 -5.51 -13.57
CA GLU C 184 -19.16 -4.09 -13.67
C GLU C 184 -19.87 -3.21 -12.65
N VAL C 185 -21.11 -3.56 -12.27
CA VAL C 185 -21.79 -2.84 -11.18
C VAL C 185 -21.13 -3.14 -9.85
N LEU C 186 -20.76 -4.40 -9.62
CA LEU C 186 -20.10 -4.74 -8.36
C LEU C 186 -18.76 -4.01 -8.27
N ALA C 187 -18.00 -3.99 -9.36
CA ALA C 187 -16.73 -3.28 -9.33
C ALA C 187 -16.95 -1.79 -9.07
N GLU C 188 -18.04 -1.21 -9.60
CA GLU C 188 -18.34 0.20 -9.33
C GLU C 188 -18.70 0.43 -7.87
N ARG C 189 -19.42 -0.51 -7.26
CA ARG C 189 -19.71 -0.40 -5.83
C ARG C 189 -18.41 -0.48 -5.03
N LEU C 190 -17.47 -1.32 -5.47
CA LEU C 190 -16.23 -1.49 -4.72
C LEU C 190 -15.36 -0.25 -4.86
N THR C 191 -15.24 0.28 -6.08
CA THR C 191 -14.49 1.51 -6.26
C THR C 191 -15.16 2.70 -5.59
N ASP C 192 -16.45 2.62 -5.27
CA ASP C 192 -17.08 3.67 -4.48
C ASP C 192 -16.90 3.42 -2.97
N ASN C 193 -16.01 2.48 -2.61
CA ASN C 193 -15.73 2.15 -1.21
C ASN C 193 -16.99 1.65 -0.51
N ARG C 194 -17.63 0.65 -1.11
CA ARG C 194 -18.83 0.05 -0.56
C ARG C 194 -18.71 -1.47 -0.57
N PRO C 195 -19.45 -2.14 0.29
CA PRO C 195 -19.40 -3.60 0.39
C PRO C 195 -20.38 -4.34 -0.50
N ILE C 196 -19.92 -5.47 -1.02
CA ILE C 196 -20.77 -6.39 -1.75
C ILE C 196 -20.71 -7.73 -1.02
N CYS C 197 -21.79 -8.51 -1.14
CA CYS C 197 -21.91 -9.81 -0.48
C CYS C 197 -22.18 -10.91 -1.50
N LEU C 198 -21.38 -11.98 -1.45
CA LEU C 198 -21.43 -13.08 -2.41
C LEU C 198 -21.41 -14.42 -1.68
N MET C 199 -22.41 -15.25 -1.99
CA MET C 199 -22.45 -16.65 -1.58
C MET C 199 -21.49 -17.44 -2.46
N ALA C 200 -20.38 -17.90 -1.89
CA ALA C 200 -19.19 -18.23 -2.67
C ALA C 200 -18.66 -19.63 -2.34
N GLU C 201 -19.57 -20.58 -2.12
CA GLU C 201 -19.14 -21.95 -1.90
C GLU C 201 -19.71 -22.92 -2.92
N ARG C 202 -20.45 -22.43 -3.91
CA ARG C 202 -21.06 -23.31 -4.90
C ARG C 202 -21.18 -22.56 -6.22
N ASP C 203 -20.63 -23.15 -7.28
CA ASP C 203 -20.80 -22.64 -8.62
C ASP C 203 -20.35 -23.72 -9.59
N LEU C 204 -21.24 -24.67 -9.87
CA LEU C 204 -20.89 -25.85 -10.65
C LEU C 204 -21.12 -25.63 -12.15
N THR C 205 -20.74 -24.47 -12.66
CA THR C 205 -20.78 -24.18 -14.08
C THR C 205 -19.38 -24.28 -14.70
N ARG C 206 -19.34 -24.12 -16.02
CA ARG C 206 -18.08 -24.16 -16.75
C ARG C 206 -17.11 -23.07 -16.29
N SER C 207 -17.62 -21.96 -15.75
CA SER C 207 -16.77 -20.84 -15.38
C SER C 207 -16.42 -20.83 -13.91
N GLY C 208 -16.70 -21.91 -13.18
CA GLY C 208 -16.30 -21.98 -11.79
C GLY C 208 -14.86 -22.43 -11.64
N VAL C 209 -14.26 -21.99 -10.53
CA VAL C 209 -12.88 -22.27 -10.19
C VAL C 209 -12.83 -23.62 -9.46
N GLN C 210 -12.14 -24.59 -10.05
CA GLN C 210 -12.00 -25.88 -9.38
C GLN C 210 -11.08 -25.76 -8.18
N VAL C 211 -11.49 -26.36 -7.06
CA VAL C 211 -10.75 -26.27 -5.81
C VAL C 211 -10.92 -27.54 -4.99
N ASP C 212 -10.02 -27.73 -4.03
CA ASP C 212 -10.13 -28.77 -3.02
C ASP C 212 -11.06 -28.30 -1.91
N PHE C 213 -11.99 -29.16 -1.48
CA PHE C 213 -12.99 -28.78 -0.49
C PHE C 213 -13.30 -30.00 0.36
N PHE C 214 -12.75 -30.03 1.58
CA PHE C 214 -12.92 -31.19 2.45
C PHE C 214 -12.34 -32.43 1.79
N GLY C 215 -11.26 -32.24 1.03
CA GLY C 215 -10.61 -33.38 0.44
C GLY C 215 -11.21 -33.84 -0.87
N GLU C 216 -12.21 -33.13 -1.42
CA GLU C 216 -12.81 -33.57 -2.67
C GLU C 216 -12.94 -32.39 -3.62
N ALA C 217 -13.10 -32.69 -4.90
CA ALA C 217 -13.05 -31.65 -5.91
C ALA C 217 -14.40 -30.97 -6.01
N THR C 218 -14.41 -29.63 -5.92
CA THR C 218 -15.64 -28.88 -6.17
C THR C 218 -15.29 -27.70 -7.06
N ARG C 219 -16.28 -26.83 -7.28
CA ARG C 219 -16.12 -25.61 -8.05
C ARG C 219 -16.77 -24.48 -7.26
N MET C 220 -16.08 -23.36 -7.15
CA MET C 220 -16.58 -22.19 -6.46
C MET C 220 -16.51 -20.98 -7.38
N PRO C 221 -17.36 -19.98 -7.18
CA PRO C 221 -17.35 -18.84 -8.09
C PRO C 221 -16.06 -18.05 -7.99
N ALA C 222 -15.63 -17.52 -9.13
CA ALA C 222 -14.45 -16.67 -9.24
C ALA C 222 -14.73 -15.22 -8.91
N GLY C 223 -15.99 -14.83 -8.76
CA GLY C 223 -16.35 -13.44 -8.57
C GLY C 223 -15.54 -12.72 -7.52
N PRO C 224 -15.48 -13.27 -6.30
CA PRO C 224 -14.75 -12.57 -5.23
C PRO C 224 -13.31 -12.28 -5.58
N ALA C 225 -12.57 -13.27 -6.10
CA ALA C 225 -11.17 -13.02 -6.43
C ALA C 225 -11.03 -12.04 -7.58
N LYS C 226 -11.88 -12.16 -8.61
CA LYS C 226 -11.77 -11.25 -9.74
C LYS C 226 -12.05 -9.82 -9.32
N LEU C 227 -12.97 -9.63 -8.37
CA LEU C 227 -13.31 -8.27 -7.94
C LEU C 227 -12.29 -7.72 -6.97
N ALA C 228 -11.69 -8.58 -6.13
CA ALA C 228 -10.68 -8.13 -5.20
C ALA C 228 -9.42 -7.73 -5.95
N ILE C 229 -9.10 -8.45 -7.03
CA ILE C 229 -7.96 -8.09 -7.85
C ILE C 229 -8.27 -6.80 -8.60
N GLU C 230 -9.35 -6.80 -9.39
CA GLU C 230 -9.61 -5.67 -10.27
C GLU C 230 -9.78 -4.36 -9.50
N THR C 231 -10.27 -4.42 -8.27
CA THR C 231 -10.52 -3.20 -7.50
C THR C 231 -9.57 -3.00 -6.32
N GLY C 232 -8.79 -4.00 -5.95
CA GLY C 232 -8.00 -3.90 -4.74
C GLY C 232 -8.79 -3.99 -3.47
N ALA C 233 -10.08 -4.30 -3.56
CA ALA C 233 -10.92 -4.36 -2.36
C ALA C 233 -10.44 -5.48 -1.45
N ALA C 234 -10.68 -5.30 -0.15
CA ALA C 234 -10.34 -6.34 0.80
C ALA C 234 -11.33 -7.49 0.69
N LEU C 235 -10.80 -8.71 0.57
CA LEU C 235 -11.61 -9.90 0.41
C LEU C 235 -11.68 -10.56 1.78
N PHE C 236 -12.83 -10.40 2.44
CA PHE C 236 -13.04 -10.90 3.78
C PHE C 236 -13.87 -12.17 3.72
N PRO C 237 -13.36 -13.28 4.26
CA PRO C 237 -14.23 -14.43 4.52
C PRO C 237 -15.18 -14.17 5.67
N VAL C 238 -16.40 -14.64 5.50
CA VAL C 238 -17.46 -14.44 6.48
C VAL C 238 -18.14 -15.78 6.71
N HIS C 239 -18.64 -15.96 7.93
CA HIS C 239 -19.35 -17.17 8.28
C HIS C 239 -20.57 -16.82 9.13
N CYS C 240 -21.69 -17.48 8.85
CA CYS C 240 -22.89 -17.35 9.65
C CYS C 240 -23.30 -18.72 10.17
N TRP C 241 -23.82 -18.74 11.39
CA TRP C 241 -24.27 -19.96 12.03
C TRP C 241 -25.38 -19.64 13.02
N PHE C 242 -25.93 -20.68 13.63
CA PHE C 242 -27.00 -20.54 14.62
C PHE C 242 -26.40 -20.77 16.01
N GLU C 243 -26.38 -19.72 16.84
CA GLU C 243 -25.80 -19.81 18.17
C GLU C 243 -26.94 -19.95 19.17
N GLY C 244 -27.41 -21.17 19.33
CA GLY C 244 -28.54 -21.41 20.22
C GLY C 244 -29.83 -20.90 19.60
N ASP C 245 -30.57 -20.10 20.35
CA ASP C 245 -31.73 -19.41 19.81
C ASP C 245 -31.35 -18.09 19.15
N GLY C 246 -30.06 -17.76 19.07
CA GLY C 246 -29.58 -16.56 18.46
C GLY C 246 -28.88 -16.84 17.14
N TRP C 247 -28.12 -15.85 16.68
CA TRP C 247 -27.42 -15.95 15.40
C TRP C 247 -25.97 -15.56 15.61
N GLY C 248 -25.06 -16.43 15.20
CA GLY C 248 -23.63 -16.16 15.29
C GLY C 248 -23.09 -15.76 13.94
N MET C 249 -22.27 -14.73 13.91
CA MET C 249 -21.71 -14.22 12.67
C MET C 249 -20.28 -13.77 12.90
N ARG C 250 -19.45 -13.91 11.87
CA ARG C 250 -18.04 -13.60 12.03
C ARG C 250 -17.44 -13.18 10.70
N VAL C 251 -16.59 -12.16 10.75
CA VAL C 251 -15.77 -11.71 9.64
C VAL C 251 -14.34 -12.14 9.92
N TYR C 252 -13.68 -12.73 8.94
CA TYR C 252 -12.33 -13.20 9.13
C TYR C 252 -11.32 -12.33 8.40
N PRO C 253 -10.05 -12.41 8.78
CA PRO C 253 -9.02 -11.57 8.16
C PRO C 253 -9.06 -11.72 6.64
N GLU C 254 -8.85 -10.61 5.95
CA GLU C 254 -8.88 -10.60 4.50
C GLU C 254 -7.77 -11.48 3.93
N LEU C 255 -8.09 -12.13 2.81
CA LEU C 255 -7.18 -13.08 2.19
C LEU C 255 -6.11 -12.35 1.37
N ASP C 256 -4.99 -13.04 1.17
CA ASP C 256 -3.86 -12.49 0.43
C ASP C 256 -4.08 -12.64 -1.08
N THR C 257 -4.31 -11.51 -1.75
CA THR C 257 -4.46 -11.47 -3.21
C THR C 257 -3.15 -11.08 -3.90
N SER C 258 -2.01 -11.22 -3.22
CA SER C 258 -0.74 -10.82 -3.82
C SER C 258 -0.44 -11.61 -5.09
N SER C 259 -0.75 -12.91 -5.10
CA SER C 259 -0.39 -13.73 -6.23
C SER C 259 -1.12 -13.29 -7.50
N GLY C 260 -2.28 -12.67 -7.35
CA GLY C 260 -3.10 -12.36 -8.50
C GLY C 260 -3.64 -13.57 -9.22
N ASP C 261 -3.50 -14.75 -8.62
CA ASP C 261 -3.96 -16.00 -9.22
C ASP C 261 -5.37 -16.25 -8.69
N VAL C 262 -6.35 -16.27 -9.60
CA VAL C 262 -7.74 -16.47 -9.20
C VAL C 262 -7.91 -17.82 -8.55
N THR C 263 -7.19 -18.82 -9.03
CA THR C 263 -7.33 -20.15 -8.44
C THR C 263 -6.76 -20.20 -7.03
N ALA C 264 -5.55 -19.67 -6.82
CA ALA C 264 -4.96 -19.72 -5.48
C ALA C 264 -5.80 -18.96 -4.46
N ILE C 265 -6.38 -17.83 -4.87
CA ILE C 265 -7.18 -17.03 -3.95
C ILE C 265 -8.49 -17.75 -3.64
N THR C 266 -9.18 -18.25 -4.68
CA THR C 266 -10.43 -18.96 -4.43
C THR C 266 -10.19 -20.23 -3.62
N GLN C 267 -9.03 -20.86 -3.81
CA GLN C 267 -8.70 -22.04 -3.02
C GLN C 267 -8.48 -21.70 -1.55
N ALA C 268 -7.77 -20.59 -1.27
CA ALA C 268 -7.65 -20.16 0.12
C ALA C 268 -9.00 -19.78 0.73
N LEU C 269 -9.89 -19.20 -0.08
CA LEU C 269 -11.22 -18.90 0.43
C LEU C 269 -11.98 -20.18 0.75
N ALA C 270 -11.86 -21.18 -0.11
CA ALA C 270 -12.52 -22.46 0.14
C ALA C 270 -11.95 -23.12 1.38
N ASP C 271 -10.64 -23.07 1.57
CA ASP C 271 -10.04 -23.65 2.76
C ASP C 271 -10.56 -22.98 4.03
N ARG C 272 -10.74 -21.66 4.00
CA ARG C 272 -11.30 -20.97 5.16
C ARG C 272 -12.75 -21.37 5.39
N PHE C 273 -13.52 -21.46 4.30
CA PHE C 273 -14.92 -21.89 4.40
C PHE C 273 -15.02 -23.30 4.95
N ALA C 274 -14.17 -24.22 4.47
CA ALA C 274 -14.17 -25.58 4.97
C ALA C 274 -13.80 -25.63 6.45
N ALA C 275 -12.86 -24.79 6.88
CA ALA C 275 -12.49 -24.79 8.30
C ALA C 275 -13.66 -24.31 9.15
N ASN C 276 -14.40 -23.33 8.65
CA ASN C 276 -15.51 -22.81 9.44
C ASN C 276 -16.67 -23.80 9.43
N ILE C 277 -16.98 -24.39 8.27
CA ILE C 277 -18.01 -25.40 8.24
C ILE C 277 -17.63 -26.54 9.17
N ALA C 278 -16.34 -26.87 9.24
CA ALA C 278 -15.90 -27.94 10.11
C ALA C 278 -16.17 -27.58 11.54
N THR C 279 -16.22 -26.28 11.83
CA THR C 279 -16.51 -25.80 13.17
C THR C 279 -18.02 -25.80 13.46
N TYR C 280 -18.84 -25.45 12.47
CA TYR C 280 -20.29 -25.41 12.59
C TYR C 280 -20.92 -26.33 11.55
N PRO C 281 -20.72 -27.64 11.68
CA PRO C 281 -21.22 -28.55 10.65
C PRO C 281 -22.74 -28.61 10.53
N ALA C 282 -23.48 -28.42 11.62
CA ALA C 282 -24.93 -28.51 11.51
C ALA C 282 -25.56 -27.29 10.85
N ASP C 283 -24.85 -26.16 10.85
CA ASP C 283 -25.40 -24.92 10.32
C ASP C 283 -25.16 -24.71 8.84
N TRP C 284 -24.63 -25.70 8.11
CA TRP C 284 -24.38 -25.52 6.69
C TRP C 284 -25.49 -26.21 5.89
N HIS C 285 -26.39 -25.41 5.34
CA HIS C 285 -27.60 -25.84 4.63
C HIS C 285 -27.27 -26.06 3.14
N MET C 286 -26.55 -27.14 2.87
CA MET C 286 -26.20 -27.53 1.50
C MET C 286 -26.94 -28.81 1.14
N LEU C 287 -28.18 -28.68 0.65
CA LEU C 287 -28.94 -29.84 0.19
C LEU C 287 -28.76 -30.12 -1.30
N GLN C 288 -28.14 -29.22 -2.05
CA GLN C 288 -27.85 -29.50 -3.44
C GLN C 288 -26.49 -30.18 -3.54
N PRO C 289 -26.21 -30.86 -4.66
CA PRO C 289 -24.86 -31.44 -4.82
C PRO C 289 -23.75 -30.41 -4.73
N GLN C 290 -22.77 -30.70 -3.87
CA GLN C 290 -21.64 -29.81 -3.65
C GLN C 290 -20.34 -30.31 -4.25
N TRP C 291 -19.99 -31.59 -4.05
CA TRP C 291 -18.70 -32.08 -4.51
C TRP C 291 -18.78 -32.62 -5.93
N ILE C 292 -17.67 -32.47 -6.65
CA ILE C 292 -17.60 -32.83 -8.07
C ILE C 292 -18.00 -34.28 -8.32
N ALA C 293 -17.57 -35.22 -7.46
CA ALA C 293 -17.84 -36.61 -7.78
C ALA C 293 -19.33 -36.91 -7.83
N ASP C 294 -20.14 -36.18 -7.08
CA ASP C 294 -21.57 -36.43 -7.03
C ASP C 294 -22.11 -35.83 -8.33
N LEU C 295 -22.17 -36.62 -9.40
CA LEU C 295 -22.68 -36.01 -10.62
C LEU C 295 -22.87 -37.06 -11.72
N SER C 296 -23.49 -36.60 -12.81
CA SER C 296 -23.76 -37.41 -13.98
C SER C 296 -22.78 -37.13 -15.10
N ASP C 297 -21.67 -36.46 -14.79
CA ASP C 297 -20.72 -36.01 -15.80
C ASP C 297 -21.44 -35.01 -16.70
N GLU C 298 -21.85 -33.88 -16.13
CA GLU C 298 -22.65 -32.90 -16.86
C GLU C 298 -21.81 -31.88 -17.60
N ARG C 299 -20.50 -31.84 -17.34
CA ARG C 299 -19.61 -30.92 -18.03
C ARG C 299 -20.17 -29.49 -18.01
N PRO D 51 30.10 -11.95 -23.13
CA PRO D 51 30.07 -13.30 -23.73
C PRO D 51 29.99 -14.40 -22.70
N GLU D 52 30.48 -14.13 -21.48
CA GLU D 52 30.42 -15.12 -20.41
C GLU D 52 28.97 -15.39 -20.04
N GLN D 53 28.14 -14.35 -20.00
CA GLN D 53 26.73 -14.51 -19.72
C GLN D 53 26.06 -15.28 -20.84
N LEU D 54 26.56 -15.14 -22.07
CA LEU D 54 26.02 -15.93 -23.16
C LEU D 54 26.26 -17.42 -22.88
N ARG D 55 27.47 -17.76 -22.43
CA ARG D 55 27.76 -19.14 -22.08
C ARG D 55 26.85 -19.64 -20.96
N ARG D 56 26.58 -18.78 -19.96
CA ARG D 56 25.73 -19.21 -18.87
C ARG D 56 24.29 -19.42 -19.34
N ASN D 57 23.85 -18.66 -20.35
CA ASN D 57 22.50 -18.83 -20.87
C ASN D 57 22.38 -20.05 -21.78
N LEU D 58 23.35 -20.24 -22.69
CA LEU D 58 23.30 -21.45 -23.51
C LEU D 58 23.42 -22.69 -22.63
N ALA D 59 24.03 -22.55 -21.45
CA ALA D 59 24.08 -23.67 -20.51
C ALA D 59 22.68 -24.14 -20.15
N ARG D 60 21.77 -23.18 -19.93
CA ARG D 60 20.39 -23.49 -19.62
C ARG D 60 19.67 -24.01 -20.86
N VAL D 61 20.02 -23.45 -22.02
CA VAL D 61 19.33 -23.82 -23.25
C VAL D 61 19.55 -25.30 -23.56
N VAL D 62 20.78 -25.78 -23.37
CA VAL D 62 21.11 -27.18 -23.64
C VAL D 62 21.01 -28.09 -22.43
N GLY D 63 20.91 -27.54 -21.21
CA GLY D 63 20.78 -28.39 -20.04
C GLY D 63 22.07 -29.05 -19.60
N LYS D 64 23.16 -28.30 -19.57
CA LYS D 64 24.47 -28.75 -19.14
C LYS D 64 25.09 -27.60 -18.36
N PRO D 65 26.09 -27.89 -17.52
CA PRO D 65 26.74 -26.80 -16.80
C PRO D 65 27.44 -25.85 -17.76
N PRO D 66 27.69 -24.61 -17.35
CA PRO D 66 28.29 -23.65 -18.28
C PRO D 66 29.57 -24.15 -18.94
N ALA D 67 30.43 -24.83 -18.20
CA ALA D 67 31.72 -25.30 -18.70
C ALA D 67 31.58 -26.41 -19.73
N ASP D 68 30.44 -27.09 -19.79
CA ASP D 68 30.22 -28.20 -20.71
C ASP D 68 29.50 -27.81 -22.01
N VAL D 69 29.20 -26.55 -22.21
CA VAL D 69 28.56 -26.15 -23.47
C VAL D 69 29.54 -26.36 -24.63
N PRO D 70 29.11 -27.03 -25.70
CA PRO D 70 30.02 -27.32 -26.83
C PRO D 70 30.66 -26.06 -27.42
N ASP D 71 31.97 -26.14 -27.63
CA ASP D 71 32.70 -25.01 -28.20
C ASP D 71 32.17 -24.63 -29.58
N ASP D 72 31.65 -25.59 -30.33
CA ASP D 72 31.12 -25.26 -31.65
C ASP D 72 29.85 -24.42 -31.54
N LEU D 73 29.06 -24.64 -30.49
CA LEU D 73 27.86 -23.83 -30.32
C LEU D 73 28.21 -22.42 -29.88
N ILE D 74 29.19 -22.28 -28.98
CA ILE D 74 29.64 -20.95 -28.57
C ILE D 74 30.18 -20.17 -29.76
N ARG D 75 31.00 -20.82 -30.58
CA ARG D 75 31.49 -20.13 -31.78
C ARG D 75 30.37 -19.75 -32.73
N ALA D 76 29.42 -20.66 -32.95
CA ALA D 76 28.28 -20.34 -33.81
C ALA D 76 27.42 -19.20 -33.27
N SER D 77 27.28 -19.12 -31.94
CA SER D 77 26.49 -18.05 -31.35
C SER D 77 27.21 -16.70 -31.44
N LEU D 78 28.52 -16.68 -31.17
CA LEU D 78 29.26 -15.44 -31.32
C LEU D 78 29.26 -14.98 -32.77
N ALA D 79 29.40 -15.92 -33.70
CA ALA D 79 29.36 -15.55 -35.11
C ALA D 79 27.99 -15.03 -35.53
N SER D 80 26.92 -15.61 -35.00
CA SER D 80 25.59 -15.08 -35.29
C SER D 80 25.38 -13.68 -34.70
N TYR D 81 25.78 -13.45 -33.45
CA TYR D 81 25.61 -12.13 -32.87
C TYR D 81 26.40 -11.08 -33.69
N ALA D 82 27.63 -11.44 -34.07
CA ALA D 82 28.42 -10.54 -34.88
C ALA D 82 27.75 -10.32 -36.21
N ARG D 83 27.12 -11.37 -36.76
CA ARG D 83 26.49 -11.23 -38.07
C ARG D 83 25.32 -10.25 -37.95
N TYR D 84 24.58 -10.34 -36.84
CA TYR D 84 23.46 -9.42 -36.64
C TYR D 84 23.94 -7.99 -36.70
N TRP D 85 25.03 -7.68 -35.99
CA TRP D 85 25.49 -6.29 -36.00
C TRP D 85 26.07 -5.91 -37.36
N ARG D 86 26.82 -6.83 -37.99
CA ARG D 86 27.38 -6.60 -39.31
C ARG D 86 26.31 -6.33 -40.36
N GLU D 87 25.15 -6.98 -40.22
CA GLU D 87 24.04 -6.75 -41.12
C GLU D 87 23.31 -5.47 -40.78
N ALA D 88 23.16 -5.19 -39.48
CA ALA D 88 22.51 -3.95 -39.05
C ALA D 88 23.24 -2.74 -39.59
N PHE D 89 24.56 -2.84 -39.77
CA PHE D 89 25.30 -1.70 -40.32
C PHE D 89 24.90 -1.42 -41.77
N ARG D 90 24.87 -2.45 -42.63
CA ARG D 90 24.62 -2.26 -44.05
C ARG D 90 23.16 -2.41 -44.49
N LEU D 91 22.26 -2.80 -43.59
CA LEU D 91 20.87 -3.04 -43.98
C LEU D 91 20.14 -1.86 -44.59
N PRO D 92 20.24 -0.63 -44.05
CA PRO D 92 19.46 0.48 -44.62
C PRO D 92 19.79 0.79 -46.06
N ALA D 93 20.91 0.29 -46.59
CA ALA D 93 21.36 0.62 -47.92
C ALA D 93 21.08 -0.50 -48.93
N MET D 94 20.51 -1.62 -48.48
CA MET D 94 20.32 -2.75 -49.36
C MET D 94 19.01 -2.59 -50.13
N ASP D 95 18.82 -3.47 -51.11
CA ASP D 95 17.63 -3.50 -51.96
C ASP D 95 16.49 -4.17 -51.18
N HIS D 96 15.62 -3.36 -50.56
CA HIS D 96 14.55 -3.97 -49.77
C HIS D 96 13.49 -4.63 -50.64
N GLY D 97 13.27 -4.15 -51.86
CA GLY D 97 12.36 -4.85 -52.77
C GLY D 97 12.84 -6.24 -53.14
N ARG D 98 14.14 -6.38 -53.38
CA ARG D 98 14.68 -7.71 -53.67
C ARG D 98 14.56 -8.59 -52.45
N LEU D 99 14.91 -8.06 -51.27
CA LEU D 99 14.88 -8.88 -50.07
C LEU D 99 13.45 -9.37 -49.83
N GLY D 100 12.47 -8.49 -50.02
CA GLY D 100 11.10 -8.86 -49.77
C GLY D 100 10.60 -9.88 -50.78
N GLU D 101 11.12 -9.84 -52.01
CA GLU D 101 10.65 -10.79 -53.01
C GLU D 101 11.37 -12.13 -52.94
N GLN D 102 12.60 -12.17 -52.40
CA GLN D 102 13.40 -13.39 -52.40
C GLN D 102 13.38 -14.13 -51.06
N LEU D 103 13.12 -13.44 -49.96
CA LEU D 103 12.95 -14.07 -48.66
C LEU D 103 11.50 -14.48 -48.43
N ASP D 104 11.33 -15.61 -47.74
CA ASP D 104 10.01 -16.14 -47.43
C ASP D 104 9.86 -16.33 -45.93
N VAL D 105 8.60 -16.41 -45.49
CA VAL D 105 8.23 -16.62 -44.10
C VAL D 105 7.33 -17.84 -44.00
N ILE D 106 7.79 -18.84 -43.25
CA ILE D 106 7.03 -20.07 -43.10
C ILE D 106 5.69 -19.80 -42.42
N ASP D 107 4.62 -20.32 -43.01
CA ASP D 107 3.27 -20.20 -42.44
C ASP D 107 2.82 -18.75 -42.31
N ILE D 108 3.22 -17.90 -43.26
CA ILE D 108 2.76 -16.51 -43.23
C ILE D 108 1.24 -16.45 -43.36
N ASP D 109 0.65 -17.44 -44.01
CA ASP D 109 -0.80 -17.44 -44.17
C ASP D 109 -1.51 -17.38 -42.82
N HIS D 110 -0.88 -17.85 -41.74
CA HIS D 110 -1.46 -17.62 -40.42
C HIS D 110 -1.74 -16.14 -40.18
N LEU D 111 -0.77 -15.31 -40.56
CA LEU D 111 -0.89 -13.88 -40.35
C LEU D 111 -1.87 -13.28 -41.35
N TRP D 112 -1.79 -13.70 -42.61
CA TRP D 112 -2.70 -13.14 -43.60
C TRP D 112 -4.14 -13.43 -43.19
N SER D 113 -4.44 -14.70 -42.88
CA SER D 113 -5.79 -15.11 -42.54
C SER D 113 -6.26 -14.37 -41.30
N ALA D 114 -5.34 -14.06 -40.39
CA ALA D 114 -5.74 -13.29 -39.21
C ALA D 114 -6.04 -11.84 -39.57
N LEU D 115 -5.32 -11.29 -40.57
CA LEU D 115 -5.62 -9.97 -41.09
C LEU D 115 -6.81 -9.97 -42.05
N ASP D 116 -7.06 -11.07 -42.76
CA ASP D 116 -8.30 -11.16 -43.52
C ASP D 116 -9.53 -11.22 -42.62
N ALA D 117 -9.39 -11.66 -41.38
CA ALA D 117 -10.51 -11.67 -40.45
C ALA D 117 -10.74 -10.34 -39.74
N GLY D 118 -9.90 -9.33 -39.94
CA GLY D 118 -10.17 -8.06 -39.32
C GLY D 118 -9.84 -7.99 -37.84
N ARG D 119 -8.98 -8.90 -37.35
CA ARG D 119 -8.69 -8.99 -35.92
C ARG D 119 -7.47 -8.20 -35.49
N GLY D 120 -6.55 -7.90 -36.41
CA GLY D 120 -5.23 -7.44 -36.01
C GLY D 120 -4.35 -8.63 -35.65
N ALA D 121 -3.09 -8.31 -35.33
CA ALA D 121 -2.17 -9.39 -35.01
C ALA D 121 -1.02 -8.86 -34.17
N VAL D 122 -0.66 -9.62 -33.14
CA VAL D 122 0.51 -9.32 -32.32
C VAL D 122 1.57 -10.35 -32.69
N LEU D 123 2.70 -9.87 -33.18
CA LEU D 123 3.83 -10.74 -33.52
C LEU D 123 4.86 -10.67 -32.42
N ALA D 124 4.99 -11.75 -31.66
CA ALA D 124 5.91 -11.82 -30.52
C ALA D 124 7.00 -12.82 -30.87
N LEU D 125 8.24 -12.36 -30.84
CA LEU D 125 9.39 -13.16 -31.26
C LEU D 125 10.52 -12.95 -30.29
N PRO D 126 11.44 -13.90 -30.21
CA PRO D 126 12.63 -13.73 -29.37
C PRO D 126 13.78 -13.07 -30.14
N HIS D 127 14.80 -12.67 -29.38
CA HIS D 127 15.98 -12.05 -29.95
C HIS D 127 16.84 -13.09 -30.67
N SER D 128 16.33 -13.61 -31.78
CA SER D 128 17.02 -14.63 -32.56
C SER D 128 17.20 -14.13 -33.99
N GLY D 129 18.28 -14.57 -34.62
CA GLY D 129 18.52 -14.18 -36.00
C GLY D 129 18.57 -12.67 -36.15
N ASN D 130 18.01 -12.18 -37.25
CA ASN D 130 17.89 -10.76 -37.55
C ASN D 130 16.41 -10.40 -37.60
N TRP D 131 15.92 -9.76 -36.54
CA TRP D 131 14.51 -9.34 -36.52
C TRP D 131 14.28 -8.06 -37.31
N ASP D 132 15.32 -7.26 -37.51
CA ASP D 132 15.20 -6.09 -38.37
C ASP D 132 15.05 -6.48 -39.82
N MET D 133 15.62 -7.61 -40.23
CA MET D 133 15.39 -8.12 -41.57
C MET D 133 13.96 -8.64 -41.72
N ALA D 134 13.41 -9.22 -40.66
CA ALA D 134 12.03 -9.67 -40.75
C ALA D 134 11.09 -8.48 -40.85
N GLY D 135 11.40 -7.41 -40.11
CA GLY D 135 10.59 -6.21 -40.23
C GLY D 135 10.65 -5.62 -41.62
N VAL D 136 11.85 -5.53 -42.21
CA VAL D 136 11.95 -5.09 -43.60
C VAL D 136 11.07 -5.94 -44.52
N TRP D 137 11.10 -7.27 -44.31
CA TRP D 137 10.27 -8.16 -45.10
C TRP D 137 8.79 -7.85 -44.97
N LEU D 138 8.34 -7.54 -43.77
CA LEU D 138 6.93 -7.22 -43.58
C LEU D 138 6.60 -5.86 -44.18
N VAL D 139 7.54 -4.92 -44.11
CA VAL D 139 7.31 -3.61 -44.70
C VAL D 139 7.11 -3.74 -46.20
N GLN D 140 7.82 -4.67 -46.85
CA GLN D 140 7.71 -4.82 -48.29
C GLN D 140 6.54 -5.71 -48.71
N ASN D 141 6.21 -6.73 -47.91
CA ASN D 141 5.15 -7.65 -48.28
C ASN D 141 3.79 -7.27 -47.71
N TYR D 142 3.75 -6.35 -46.74
CA TYR D 142 2.50 -5.83 -46.20
C TYR D 142 2.46 -4.31 -46.15
N GLY D 143 3.41 -3.71 -45.43
CA GLY D 143 3.43 -2.28 -45.27
C GLY D 143 3.92 -1.91 -43.89
N PRO D 144 3.98 -0.61 -43.62
CA PRO D 144 4.45 -0.16 -42.30
C PRO D 144 3.65 -0.75 -41.16
N PHE D 145 4.37 -1.16 -40.10
CA PHE D 145 3.79 -1.66 -38.88
C PHE D 145 4.35 -0.83 -37.73
N THR D 146 3.79 -1.02 -36.54
CA THR D 146 4.18 -0.24 -35.37
C THR D 146 4.88 -1.09 -34.33
N THR D 147 5.86 -0.52 -33.65
CA THR D 147 6.52 -1.25 -32.57
C THR D 147 7.07 -0.24 -31.57
N VAL D 148 7.57 -0.76 -30.45
CA VAL D 148 8.12 0.06 -29.38
C VAL D 148 9.61 -0.21 -29.22
N ALA D 149 10.33 0.81 -28.76
CA ALA D 149 11.78 0.75 -28.55
C ALA D 149 12.07 1.31 -27.17
N GLU D 150 12.80 0.57 -26.35
CA GLU D 150 13.26 1.13 -25.08
C GLU D 150 14.13 2.35 -25.34
N ARG D 151 13.89 3.41 -24.57
CA ARG D 151 14.59 4.68 -24.74
C ARG D 151 15.94 4.59 -24.05
N LEU D 152 16.97 4.26 -24.83
CA LEU D 152 18.31 4.09 -24.31
C LEU D 152 18.98 5.44 -24.08
N LYS D 153 20.03 5.43 -23.26
CA LYS D 153 20.87 6.58 -23.03
C LYS D 153 22.28 6.32 -23.56
N PRO D 154 22.93 7.33 -24.13
CA PRO D 154 22.42 8.71 -24.22
C PRO D 154 21.28 8.89 -25.22
N GLU D 155 20.64 10.05 -25.16
CA GLU D 155 19.55 10.35 -26.08
C GLU D 155 19.99 10.30 -27.54
N SER D 156 21.21 10.75 -27.84
CA SER D 156 21.69 10.69 -29.21
C SER D 156 21.71 9.25 -29.73
N LEU D 157 22.05 8.30 -28.86
CA LEU D 157 22.01 6.89 -29.27
C LEU D 157 20.58 6.43 -29.55
N TYR D 158 19.64 6.78 -28.66
CA TYR D 158 18.24 6.42 -28.90
C TYR D 158 17.77 6.99 -30.24
N ARG D 159 18.09 8.25 -30.50
CA ARG D 159 17.71 8.85 -31.78
C ARG D 159 18.34 8.09 -32.93
N ARG D 160 19.58 7.64 -32.75
CA ARG D 160 20.25 6.84 -33.76
C ARG D 160 19.45 5.58 -34.08
N PHE D 161 19.01 4.86 -33.04
CA PHE D 161 18.25 3.62 -33.28
C PHE D 161 16.87 3.91 -33.88
N VAL D 162 16.22 4.99 -33.45
CA VAL D 162 14.96 5.41 -34.04
C VAL D 162 15.15 5.68 -35.53
N GLU D 163 16.13 6.50 -35.86
CA GLU D 163 16.48 6.79 -37.25
C GLU D 163 16.70 5.49 -38.04
N TYR D 164 17.49 4.58 -37.49
CA TYR D 164 17.78 3.30 -38.15
C TYR D 164 16.51 2.56 -38.51
N ARG D 165 15.66 2.32 -37.51
CA ARG D 165 14.48 1.50 -37.74
C ARG D 165 13.43 2.24 -38.55
N GLU D 166 13.37 3.57 -38.43
CA GLU D 166 12.49 4.32 -39.30
C GLU D 166 12.98 4.27 -40.74
N SER D 167 14.30 4.24 -40.94
CA SER D 167 14.86 4.07 -42.27
C SER D 167 14.60 2.67 -42.81
N LEU D 168 14.16 1.74 -41.96
CA LEU D 168 13.70 0.45 -42.47
C LEU D 168 12.20 0.45 -42.76
N GLY D 169 11.46 1.45 -42.29
CA GLY D 169 10.03 1.55 -42.54
C GLY D 169 9.12 1.27 -41.35
N PHE D 170 9.67 1.05 -40.15
CA PHE D 170 8.87 0.74 -38.97
C PHE D 170 8.39 2.00 -38.30
N GLU D 171 7.24 1.92 -37.64
CA GLU D 171 6.85 2.99 -36.73
C GLU D 171 7.34 2.59 -35.34
N VAL D 172 8.18 3.44 -34.76
CA VAL D 172 8.83 3.16 -33.47
C VAL D 172 8.17 4.04 -32.41
N LEU D 173 7.62 3.43 -31.37
CA LEU D 173 7.02 4.22 -30.30
C LEU D 173 7.93 4.27 -29.08
N PRO D 174 8.30 5.47 -28.61
CA PRO D 174 9.11 5.60 -27.39
C PRO D 174 8.37 5.10 -26.16
N LEU D 175 9.00 4.15 -25.46
CA LEU D 175 8.43 3.60 -24.24
C LEU D 175 8.22 4.65 -23.17
N THR D 176 8.95 5.76 -23.22
CA THR D 176 8.75 6.86 -22.29
C THR D 176 9.06 8.18 -22.99
N GLY D 177 8.44 9.25 -22.48
CA GLY D 177 8.65 10.57 -23.01
C GLY D 177 7.88 10.90 -24.27
N GLY D 178 6.97 10.01 -24.71
CA GLY D 178 6.21 10.25 -25.92
C GLY D 178 4.99 11.10 -25.65
N GLU D 179 4.19 11.31 -26.70
CA GLU D 179 3.00 12.11 -26.51
C GLU D 179 1.90 11.31 -25.82
N ARG D 180 1.78 10.04 -26.16
CA ARG D 180 0.75 9.16 -25.64
C ARG D 180 1.38 7.89 -25.09
N PRO D 181 0.67 7.18 -24.24
CA PRO D 181 1.15 5.89 -23.73
C PRO D 181 1.26 4.88 -24.86
N PRO D 182 2.40 4.21 -24.98
CA PRO D 182 2.62 3.33 -26.15
C PRO D 182 1.53 2.29 -26.33
N PHE D 183 1.17 1.56 -25.27
CA PHE D 183 0.19 0.49 -25.39
C PHE D 183 -1.15 0.98 -25.90
N GLU D 184 -1.47 2.27 -25.78
CA GLU D 184 -2.72 2.77 -26.34
C GLU D 184 -2.59 3.00 -27.85
N VAL D 185 -1.40 3.36 -28.30
CA VAL D 185 -1.15 3.47 -29.73
C VAL D 185 -1.19 2.06 -30.34
N LEU D 186 -0.59 1.10 -29.65
CA LEU D 186 -0.59 -0.25 -30.19
C LEU D 186 -2.01 -0.79 -30.23
N ALA D 187 -2.78 -0.57 -29.16
CA ALA D 187 -4.15 -1.04 -29.16
C ALA D 187 -4.94 -0.42 -30.30
N GLU D 188 -4.67 0.85 -30.64
CA GLU D 188 -5.32 1.47 -31.77
C GLU D 188 -4.90 0.85 -33.09
N ARG D 189 -3.62 0.48 -33.21
CA ARG D 189 -3.18 -0.18 -34.43
C ARG D 189 -3.89 -1.52 -34.56
N LEU D 190 -4.09 -2.20 -33.43
CA LEU D 190 -4.71 -3.53 -33.45
C LEU D 190 -6.20 -3.44 -33.78
N THR D 191 -6.90 -2.47 -33.19
CA THR D 191 -8.31 -2.27 -33.56
C THR D 191 -8.48 -1.80 -34.99
N ASP D 192 -7.45 -1.24 -35.62
CA ASP D 192 -7.52 -0.89 -37.03
C ASP D 192 -7.12 -2.08 -37.89
N ASN D 193 -7.02 -3.27 -37.29
CA ASN D 193 -6.66 -4.49 -38.01
C ASN D 193 -5.27 -4.36 -38.63
N ARG D 194 -4.29 -4.00 -37.81
CA ARG D 194 -2.92 -3.84 -38.26
C ARG D 194 -1.99 -4.60 -37.34
N PRO D 195 -0.81 -4.98 -37.83
CA PRO D 195 0.18 -5.72 -37.03
C PRO D 195 1.18 -4.86 -36.29
N ILE D 196 1.50 -5.30 -35.08
CA ILE D 196 2.57 -4.73 -34.28
C ILE D 196 3.56 -5.86 -33.99
N CYS D 197 4.82 -5.48 -33.80
CA CYS D 197 5.90 -6.42 -33.55
C CYS D 197 6.60 -6.07 -32.24
N LEU D 198 6.72 -7.05 -31.35
CA LEU D 198 7.28 -6.87 -30.02
C LEU D 198 8.29 -7.95 -29.73
N MET D 199 9.50 -7.54 -29.33
CA MET D 199 10.52 -8.46 -28.82
C MET D 199 10.14 -8.88 -27.40
N ALA D 200 9.76 -10.15 -27.26
CA ALA D 200 8.91 -10.60 -26.17
C ALA D 200 9.54 -11.79 -25.44
N GLU D 201 10.87 -11.78 -25.28
CA GLU D 201 11.54 -12.81 -24.51
C GLU D 201 12.33 -12.27 -23.33
N ARG D 202 12.28 -10.97 -23.07
CA ARG D 202 13.05 -10.38 -21.98
C ARG D 202 12.30 -9.17 -21.45
N ASP D 203 12.08 -9.14 -20.14
CA ASP D 203 11.55 -7.96 -19.48
C ASP D 203 11.78 -8.10 -17.98
N LEU D 204 12.97 -7.78 -17.53
CA LEU D 204 13.38 -8.01 -16.14
C LEU D 204 13.09 -6.81 -15.25
N THR D 205 11.93 -6.18 -15.43
CA THR D 205 11.51 -5.10 -14.56
C THR D 205 10.44 -5.59 -13.59
N ARG D 206 10.02 -4.69 -12.69
CA ARG D 206 8.95 -5.02 -11.75
C ARG D 206 7.64 -5.38 -12.45
N SER D 207 7.45 -4.95 -13.69
CA SER D 207 6.21 -5.15 -14.42
C SER D 207 6.27 -6.34 -15.36
N GLY D 208 7.31 -7.17 -15.26
CA GLY D 208 7.39 -8.35 -16.07
C GLY D 208 6.62 -9.53 -15.47
N VAL D 209 6.16 -10.39 -16.36
CA VAL D 209 5.41 -11.58 -16.02
C VAL D 209 6.41 -12.70 -15.78
N GLN D 210 6.44 -13.21 -14.55
CA GLN D 210 7.33 -14.30 -14.19
C GLN D 210 6.85 -15.60 -14.83
N VAL D 211 7.78 -16.35 -15.44
CA VAL D 211 7.45 -17.60 -16.11
C VAL D 211 8.62 -18.57 -16.07
N ASP D 212 8.30 -19.84 -16.33
CA ASP D 212 9.32 -20.88 -16.50
C ASP D 212 9.91 -20.85 -17.91
N PHE D 213 11.23 -20.95 -18.01
CA PHE D 213 11.92 -20.86 -19.29
C PHE D 213 13.12 -21.81 -19.24
N PHE D 214 13.00 -22.96 -19.90
CA PHE D 214 14.04 -23.98 -19.85
C PHE D 214 14.24 -24.45 -18.43
N GLY D 215 13.15 -24.51 -17.67
CA GLY D 215 13.25 -25.05 -16.34
C GLY D 215 13.69 -24.04 -15.30
N GLU D 216 13.88 -22.76 -15.66
CA GLU D 216 14.32 -21.80 -14.67
C GLU D 216 13.48 -20.53 -14.76
N ALA D 217 13.49 -19.75 -13.68
CA ALA D 217 12.59 -18.60 -13.59
C ALA D 217 13.13 -17.39 -14.34
N THR D 218 12.31 -16.82 -15.23
CA THR D 218 12.65 -15.55 -15.85
C THR D 218 11.43 -14.65 -15.81
N ARG D 219 11.52 -13.48 -16.46
CA ARG D 219 10.39 -12.57 -16.59
C ARG D 219 10.32 -12.10 -18.03
N MET D 220 9.12 -12.11 -18.60
CA MET D 220 8.88 -11.69 -19.97
C MET D 220 7.80 -10.62 -19.97
N PRO D 221 7.79 -9.75 -20.98
CA PRO D 221 6.82 -8.64 -20.97
C PRO D 221 5.39 -9.15 -21.10
N ALA D 222 4.49 -8.44 -20.43
CA ALA D 222 3.06 -8.70 -20.47
C ALA D 222 2.37 -8.09 -21.68
N GLY D 223 3.06 -7.25 -22.44
CA GLY D 223 2.48 -6.53 -23.55
C GLY D 223 1.67 -7.40 -24.51
N PRO D 224 2.29 -8.47 -25.03
CA PRO D 224 1.57 -9.30 -26.00
C PRO D 224 0.27 -9.86 -25.47
N ALA D 225 0.27 -10.41 -24.26
CA ALA D 225 -0.96 -10.99 -23.72
C ALA D 225 -1.99 -9.90 -23.44
N LYS D 226 -1.56 -8.77 -22.87
CA LYS D 226 -2.51 -7.72 -22.54
C LYS D 226 -3.15 -7.16 -23.80
N LEU D 227 -2.40 -7.09 -24.89
CA LEU D 227 -2.93 -6.53 -26.13
C LEU D 227 -3.78 -7.54 -26.88
N ALA D 228 -3.44 -8.83 -26.82
CA ALA D 228 -4.26 -9.84 -27.47
C ALA D 228 -5.60 -9.99 -26.76
N ILE D 229 -5.60 -9.86 -25.43
CA ILE D 229 -6.85 -9.89 -24.69
C ILE D 229 -7.66 -8.64 -25.01
N GLU D 230 -7.07 -7.46 -24.76
CA GLU D 230 -7.82 -6.22 -24.86
C GLU D 230 -8.37 -5.99 -26.26
N THR D 231 -7.68 -6.48 -27.30
CA THR D 231 -8.10 -6.23 -28.67
C THR D 231 -8.63 -7.46 -29.40
N GLY D 232 -8.45 -8.65 -28.83
CA GLY D 232 -8.81 -9.86 -29.53
C GLY D 232 -7.87 -10.20 -30.66
N ALA D 233 -6.77 -9.47 -30.80
CA ALA D 233 -5.83 -9.73 -31.88
C ALA D 233 -5.22 -11.11 -31.72
N ALA D 234 -4.85 -11.72 -32.84
CA ALA D 234 -4.18 -13.00 -32.79
C ALA D 234 -2.74 -12.82 -32.31
N LEU D 235 -2.36 -13.62 -31.32
CA LEU D 235 -1.03 -13.51 -30.72
C LEU D 235 -0.22 -14.65 -31.33
N PHE D 236 0.65 -14.29 -32.28
CA PHE D 236 1.44 -15.25 -33.01
C PHE D 236 2.85 -15.31 -32.47
N PRO D 237 3.34 -16.46 -32.02
CA PRO D 237 4.78 -16.59 -31.77
C PRO D 237 5.52 -16.60 -33.11
N VAL D 238 6.67 -15.95 -33.12
CA VAL D 238 7.48 -15.82 -34.31
C VAL D 238 8.92 -16.18 -33.97
N HIS D 239 9.63 -16.72 -34.95
CA HIS D 239 11.02 -17.07 -34.73
C HIS D 239 11.85 -16.70 -35.95
N CYS D 240 13.03 -16.12 -35.71
CA CYS D 240 13.99 -15.81 -36.76
C CYS D 240 15.30 -16.51 -36.45
N TRP D 241 15.96 -16.97 -37.51
CA TRP D 241 17.24 -17.65 -37.38
C TRP D 241 18.02 -17.44 -38.67
N PHE D 242 19.25 -17.93 -38.70
CA PHE D 242 20.11 -17.81 -39.87
C PHE D 242 20.19 -19.15 -40.59
N GLU D 243 19.66 -19.20 -41.81
CA GLU D 243 19.60 -20.43 -42.60
C GLU D 243 20.73 -20.37 -43.64
N GLY D 244 21.93 -20.75 -43.20
CA GLY D 244 23.09 -20.68 -44.08
C GLY D 244 23.53 -19.24 -44.31
N ASP D 245 23.67 -18.88 -45.58
CA ASP D 245 23.92 -17.48 -45.95
C ASP D 245 22.64 -16.68 -46.10
N GLY D 246 21.48 -17.29 -45.80
CA GLY D 246 20.20 -16.64 -45.88
C GLY D 246 19.60 -16.38 -44.52
N TRP D 247 18.29 -16.11 -44.51
CA TRP D 247 17.59 -15.79 -43.27
C TRP D 247 16.34 -16.65 -43.20
N GLY D 248 16.18 -17.35 -42.08
CA GLY D 248 15.02 -18.19 -41.85
C GLY D 248 14.06 -17.49 -40.92
N MET D 249 12.78 -17.56 -41.26
CA MET D 249 11.74 -16.90 -40.49
C MET D 249 10.50 -17.79 -40.47
N ARG D 250 9.76 -17.73 -39.37
CA ARG D 250 8.61 -18.60 -39.22
C ARG D 250 7.59 -17.98 -38.28
N VAL D 251 6.32 -18.15 -38.66
CA VAL D 251 5.17 -17.78 -37.84
C VAL D 251 4.55 -19.08 -37.32
N TYR D 252 4.24 -19.11 -36.05
CA TYR D 252 3.67 -20.30 -35.43
C TYR D 252 2.20 -20.09 -35.10
N PRO D 253 1.44 -21.18 -34.90
CA PRO D 253 0.02 -21.05 -34.62
C PRO D 253 -0.25 -20.10 -33.46
N GLU D 254 -1.33 -19.35 -33.58
CA GLU D 254 -1.71 -18.36 -32.58
C GLU D 254 -2.05 -19.04 -31.25
N LEU D 255 -1.76 -18.33 -30.17
CA LEU D 255 -1.95 -18.85 -28.83
C LEU D 255 -3.41 -18.76 -28.39
N ASP D 256 -3.75 -19.63 -27.45
CA ASP D 256 -5.10 -19.70 -26.89
C ASP D 256 -5.21 -18.67 -25.77
N THR D 257 -5.95 -17.60 -26.02
CA THR D 257 -6.21 -16.56 -25.02
C THR D 257 -7.55 -16.71 -24.33
N SER D 258 -8.14 -17.91 -24.37
CA SER D 258 -9.46 -18.11 -23.77
C SER D 258 -9.43 -17.85 -22.27
N SER D 259 -8.37 -18.28 -21.59
CA SER D 259 -8.32 -18.16 -20.14
C SER D 259 -8.30 -16.70 -19.68
N GLY D 260 -7.81 -15.79 -20.51
CA GLY D 260 -7.65 -14.42 -20.05
C GLY D 260 -6.58 -14.24 -18.99
N ASP D 261 -5.76 -15.25 -18.75
CA ASP D 261 -4.71 -15.19 -17.74
C ASP D 261 -3.42 -14.73 -18.40
N VAL D 262 -2.94 -13.54 -18.00
CA VAL D 262 -1.72 -13.00 -18.62
C VAL D 262 -0.54 -13.91 -18.32
N THR D 263 -0.51 -14.49 -17.12
CA THR D 263 0.59 -15.37 -16.75
C THR D 263 0.58 -16.65 -17.58
N ALA D 264 -0.59 -17.28 -17.71
CA ALA D 264 -0.71 -18.51 -18.50
C ALA D 264 -0.37 -18.28 -19.97
N ILE D 265 -0.77 -17.13 -20.51
CA ILE D 265 -0.51 -16.83 -21.91
C ILE D 265 0.97 -16.55 -22.13
N THR D 266 1.57 -15.70 -21.29
CA THR D 266 2.98 -15.42 -21.46
C THR D 266 3.82 -16.67 -21.21
N GLN D 267 3.37 -17.57 -20.33
CA GLN D 267 4.08 -18.83 -20.11
C GLN D 267 4.01 -19.73 -21.35
N ALA D 268 2.85 -19.82 -21.99
CA ALA D 268 2.78 -20.58 -23.24
C ALA D 268 3.65 -19.96 -24.33
N LEU D 269 3.73 -18.63 -24.33
CA LEU D 269 4.61 -17.96 -25.29
C LEU D 269 6.06 -18.31 -25.00
N ALA D 270 6.44 -18.33 -23.72
CA ALA D 270 7.80 -18.70 -23.36
C ALA D 270 8.09 -20.13 -23.77
N ASP D 271 7.13 -21.03 -23.57
CA ASP D 271 7.34 -22.43 -23.95
C ASP D 271 7.60 -22.55 -25.45
N ARG D 272 6.88 -21.77 -26.26
CA ARG D 272 7.10 -21.82 -27.71
C ARG D 272 8.46 -21.23 -28.07
N PHE D 273 8.84 -20.13 -27.44
CA PHE D 273 10.14 -19.54 -27.72
C PHE D 273 11.25 -20.52 -27.32
N ALA D 274 11.11 -21.17 -26.17
CA ALA D 274 12.11 -22.15 -25.73
C ALA D 274 12.22 -23.31 -26.70
N ALA D 275 11.10 -23.76 -27.26
CA ALA D 275 11.15 -24.87 -28.22
C ALA D 275 11.86 -24.46 -29.49
N ASN D 276 11.66 -23.22 -29.93
CA ASN D 276 12.30 -22.81 -31.16
C ASN D 276 13.77 -22.52 -30.92
N ILE D 277 14.11 -21.85 -29.82
CA ILE D 277 15.50 -21.62 -29.50
C ILE D 277 16.24 -22.95 -29.35
N ALA D 278 15.58 -23.95 -28.77
CA ALA D 278 16.20 -25.25 -28.65
C ALA D 278 16.44 -25.85 -30.02
N THR D 279 15.62 -25.43 -31.01
CA THR D 279 15.80 -25.93 -32.36
C THR D 279 16.94 -25.20 -33.08
N TYR D 280 17.07 -23.90 -32.86
CA TYR D 280 18.13 -23.08 -33.46
C TYR D 280 18.92 -22.41 -32.34
N PRO D 281 19.64 -23.20 -31.54
CA PRO D 281 20.33 -22.62 -30.38
C PRO D 281 21.43 -21.63 -30.72
N ALA D 282 22.10 -21.78 -31.86
CA ALA D 282 23.20 -20.88 -32.17
C ALA D 282 22.74 -19.48 -32.56
N ASP D 283 21.51 -19.31 -33.04
CA ASP D 283 21.09 -18.00 -33.48
C ASP D 283 20.46 -17.15 -32.39
N TRP D 284 20.46 -17.57 -31.13
CA TRP D 284 19.84 -16.70 -30.14
C TRP D 284 20.97 -16.00 -29.42
N HIS D 285 21.21 -14.75 -29.83
CA HIS D 285 22.30 -13.88 -29.36
C HIS D 285 21.78 -13.03 -28.19
N MET D 286 21.66 -13.70 -27.05
CA MET D 286 21.26 -13.13 -25.76
C MET D 286 22.49 -13.12 -24.86
N LEU D 287 23.26 -12.04 -24.98
CA LEU D 287 24.43 -11.78 -24.15
C LEU D 287 24.14 -11.01 -22.87
N GLN D 288 22.95 -10.48 -22.69
CA GLN D 288 22.68 -9.86 -21.40
C GLN D 288 22.11 -10.92 -20.46
N PRO D 289 22.14 -10.69 -19.15
CA PRO D 289 21.53 -11.65 -18.23
C PRO D 289 20.07 -11.91 -18.57
N GLN D 290 19.73 -13.18 -18.68
CA GLN D 290 18.36 -13.60 -19.00
C GLN D 290 17.62 -14.16 -17.80
N TRP D 291 18.25 -15.06 -17.05
CA TRP D 291 17.62 -15.72 -15.92
C TRP D 291 17.87 -14.92 -14.64
N ILE D 292 16.88 -14.94 -13.76
CA ILE D 292 16.97 -14.13 -12.55
C ILE D 292 18.22 -14.49 -11.75
N ALA D 293 18.58 -15.77 -11.70
CA ALA D 293 19.69 -16.16 -10.83
C ALA D 293 20.97 -15.44 -11.19
N ASP D 294 21.13 -15.06 -12.47
CA ASP D 294 22.31 -14.34 -12.96
C ASP D 294 22.28 -12.85 -12.64
N LEU D 295 21.30 -12.39 -11.87
CA LEU D 295 21.17 -10.98 -11.51
C LEU D 295 21.63 -10.74 -10.07
N SER D 296 21.74 -9.45 -9.72
CA SER D 296 22.22 -9.04 -8.41
C SER D 296 21.12 -8.50 -7.51
N ASP D 297 20.38 -7.50 -7.97
CA ASP D 297 19.41 -6.79 -7.14
C ASP D 297 18.08 -6.68 -7.89
N GLU D 298 17.04 -7.28 -7.31
CA GLU D 298 15.74 -7.33 -7.93
C GLU D 298 14.91 -6.11 -7.53
N ARG D 299 13.92 -5.80 -8.37
CA ARG D 299 13.03 -4.66 -8.15
C ARG D 299 11.67 -4.93 -8.77
#